data_9MQV
#
_entry.id   9MQV
#
_cell.length_a   115.900
_cell.length_b   115.900
_cell.length_c   76.775
_cell.angle_alpha   90.00
_cell.angle_beta   90.00
_cell.angle_gamma   90.00
#
_symmetry.space_group_name_H-M   'P 4'
#
loop_
_entity.id
_entity.type
_entity.pdbx_description
1 polymer Neuraminidase
2 polymer '1122A11 FAB IGG1 HEAVY CHAIN'
3 polymer '1122A11 FAB LAMBDA LIGHT CHAIN'
4 branched beta-D-mannopyranose-(1-4)-2-acetamido-2-deoxy-beta-D-glucopyranose-(1-4)-2-acetamido-2-deoxy-beta-D-glucopyranose
5 branched alpha-D-mannopyranose-(1-2)-alpha-D-mannopyranose-(1-3)-[alpha-D-mannopyranose-(1-3)-[alpha-D-mannopyranose-(1-6)]alpha-D-mannopyranose-(1-6)]beta-D-mannopyranose-(1-4)-2-acetamido-2-deoxy-beta-D-glucopyranose-(1-4)-2-acetamido-2-deoxy-beta-D-glucopyranose
6 branched 2-acetamido-2-deoxy-beta-D-glucopyranose-(1-4)-2-acetamido-2-deoxy-beta-D-glucopyranose
7 non-polymer 'CALCIUM ION'
8 non-polymer 2-acetamido-2-deoxy-beta-D-glucopyranose
9 water water
#
loop_
_entity_poly.entity_id
_entity_poly.type
_entity_poly.pdbx_seq_one_letter_code
_entity_poly.pdbx_strand_id
1 'polypeptide(L)'
;GSPSRSGAEYRNWSKPQCGITGFAPFSKDNSIRLSAGGDIWVTREPYVSCDPDKCYQFALGQGTTLNNVHSNNTVRDRTP
YRTLLMNELGVPFHLGTKQVCIAWSSSSCHDGKAWLHVCITGDDKNATASFIYNGRLIDSVVSWSKDILRTQESECVCIN
GTCTVVMTDGNATGKADTKILFIEEGKIVHTSKLSGSAQHVEECSCYPRYPGVRCVCRDNWKGSNRPIVDINIKDHSIVS
SYVCSGLVGDTPRKNDSSSSSHCLNPNNEEGGHGVKGWAFDDGNDVWMGRTINETSRLGYETFKVVEGWSNPKSKLQINR
QVIVDRGDRSGYSGIFSVEGKSCINRCFYVELIRGRKEETEVLWTSNSIVVFCGTSGTYGTGSWPDGADLNLMHI
;
A
2 'polypeptide(L)'
;QVQLVQSGAEVSKPGASVKVSCKASGYSFTSQSLGWVRQAPGQGLEWMGIINPSGGITNYAHKFQGRVTMTRDTSTSTVY
MELSSLRSEDTALYYCVRDLSHYNEVGHDRAYYYGMDIWGQGTTVTVSSASTKGPSVFPLAPSSKSTSGGTAALGCLVKD
YFPEPVTVSWNSGALTSGVHTFPAVLQSSGLYSLSSVVTVPSSSLGTQTYICNVNHKPSNTKVDKRVEPKSCHHHHHH
;
H
3 'polypeptide(L)'
;SYELIQPPSVSVSPGQTASITCSGDKLGKKYTCWYQQKPGQSPVLVIYQDNKRPSGIPERFSGSNSGNTATLTISGTQAM
DEADYYCQAWDSSAVVFGGGTKLTVLGQPKAAPSVTLFPPSSEELQANKATLVCLISDFYPGAVTVAWKADSSPVKAGVE
TTTPSKQSNNKYAASSYLSLTPEQWKSHRSYSCQVTHEGSTVEKTVAPTECS
;
L
#
loop_
_chem_comp.id
_chem_comp.type
_chem_comp.name
_chem_comp.formula
BMA D-saccharide, beta linking beta-D-mannopyranose 'C6 H12 O6'
CA non-polymer 'CALCIUM ION' 'Ca 2'
MAN D-saccharide, alpha linking alpha-D-mannopyranose 'C6 H12 O6'
NAG D-saccharide, beta linking 2-acetamido-2-deoxy-beta-D-glucopyranose 'C8 H15 N O6'
#
# COMPACT_ATOMS: atom_id res chain seq x y z
N ALA A 8 16.63 39.22 30.36
CA ALA A 8 15.59 38.27 30.02
C ALA A 8 15.59 37.10 30.99
N GLU A 9 14.40 36.69 31.44
CA GLU A 9 14.25 35.62 32.40
C GLU A 9 13.46 34.46 31.78
N TYR A 10 13.66 33.27 32.34
CA TYR A 10 12.91 32.10 31.91
C TYR A 10 11.43 32.27 32.22
N ARG A 11 10.59 31.74 31.34
CA ARG A 11 9.16 31.73 31.60
C ARG A 11 8.83 30.66 32.63
N ASN A 12 7.89 30.98 33.52
CA ASN A 12 7.42 30.04 34.53
C ASN A 12 5.97 29.65 34.38
N TRP A 13 5.16 30.44 33.66
CA TRP A 13 3.73 30.17 33.49
C TRP A 13 3.01 30.01 34.82
N SER A 14 3.54 30.65 35.86
CA SER A 14 2.99 30.53 37.22
C SER A 14 1.91 31.59 37.45
N LYS A 15 0.87 31.50 36.64
CA LYS A 15 -0.28 32.39 36.69
C LYS A 15 -1.53 31.58 36.41
N PRO A 16 -2.66 31.96 37.00
CA PRO A 16 -3.89 31.19 36.76
C PRO A 16 -4.36 31.32 35.32
N GLN A 17 -5.09 30.32 34.87
CA GLN A 17 -5.69 30.37 33.54
C GLN A 17 -6.72 31.50 33.48
N CYS A 18 -6.71 32.24 32.37
CA CYS A 18 -7.65 33.35 32.20
C CYS A 18 -9.08 32.83 32.20
N GLY A 19 -9.99 33.65 32.72
CA GLY A 19 -11.41 33.38 32.56
C GLY A 19 -11.79 33.47 31.09
N ILE A 20 -12.53 32.48 30.60
CA ILE A 20 -12.81 32.36 29.18
C ILE A 20 -14.31 32.16 28.98
N THR A 21 -14.93 33.07 28.24
CA THR A 21 -16.30 32.93 27.79
C THR A 21 -16.39 32.37 26.37
N GLY A 22 -15.26 32.28 25.68
CA GLY A 22 -15.24 31.88 24.28
C GLY A 22 -13.95 32.36 23.65
N PHE A 23 -13.98 32.49 22.32
CA PHE A 23 -12.80 32.86 21.55
C PHE A 23 -13.16 33.95 20.56
N ALA A 24 -12.19 34.85 20.31
CA ALA A 24 -12.34 35.98 19.43
C ALA A 24 -11.36 35.89 18.27
N PRO A 25 -11.71 36.43 17.10
CA PRO A 25 -10.78 36.36 15.96
C PRO A 25 -9.47 37.07 16.25
N PHE A 26 -8.38 36.48 15.79
CA PHE A 26 -7.05 36.98 16.09
C PHE A 26 -6.22 37.20 14.82
N SER A 27 -6.15 36.20 13.95
CA SER A 27 -5.30 36.30 12.76
C SER A 27 -5.80 35.38 11.67
N LYS A 28 -5.42 35.71 10.44
CA LYS A 28 -5.72 34.92 9.25
C LYS A 28 -4.75 35.35 8.16
N ASP A 29 -4.16 34.39 7.44
CA ASP A 29 -3.09 34.72 6.51
C ASP A 29 -3.49 34.70 5.04
N ASN A 30 -4.62 34.09 4.69
CA ASN A 30 -5.12 34.10 3.31
C ASN A 30 -4.08 33.56 2.33
N SER A 31 -3.35 32.53 2.76
CA SER A 31 -2.16 32.09 2.03
C SER A 31 -2.50 31.59 0.62
N ILE A 32 -3.57 30.79 0.49
CA ILE A 32 -3.86 30.19 -0.81
C ILE A 32 -4.40 31.24 -1.78
N ARG A 33 -5.26 32.14 -1.30
CA ARG A 33 -5.79 33.20 -2.15
C ARG A 33 -4.66 34.07 -2.70
N LEU A 34 -3.66 34.36 -1.86
CA LEU A 34 -2.53 35.17 -2.32
C LEU A 34 -1.65 34.41 -3.30
N SER A 35 -1.54 33.08 -3.14
CA SER A 35 -0.67 32.28 -3.99
C SER A 35 -1.14 32.23 -5.44
N ALA A 36 -2.38 32.65 -5.72
CA ALA A 36 -2.85 32.76 -7.10
C ALA A 36 -2.31 34.00 -7.80
N GLY A 37 -1.66 34.90 -7.07
CA GLY A 37 -1.04 36.07 -7.63
C GLY A 37 0.19 36.46 -6.85
N GLY A 38 1.16 35.56 -6.79
CA GLY A 38 2.36 35.77 -6.00
C GLY A 38 3.00 34.45 -5.64
N ASP A 39 4.26 34.53 -5.23
CA ASP A 39 5.05 33.35 -4.92
C ASP A 39 4.90 33.02 -3.43
N ILE A 40 4.12 31.99 -3.13
CA ILE A 40 3.83 31.59 -1.75
C ILE A 40 4.23 30.14 -1.56
N TRP A 41 4.85 29.85 -0.41
CA TRP A 41 5.28 28.49 -0.10
C TRP A 41 4.11 27.51 -0.06
N VAL A 42 4.36 26.29 -0.52
CA VAL A 42 3.46 25.17 -0.25
C VAL A 42 3.78 24.63 1.14
N THR A 43 2.76 24.48 1.98
CA THR A 43 2.96 24.10 3.37
C THR A 43 1.92 23.08 3.80
N ARG A 44 2.17 22.51 4.98
CA ARG A 44 1.16 21.77 5.74
C ARG A 44 1.69 21.66 7.17
N GLU A 45 0.84 21.14 8.06
CA GLU A 45 1.15 21.01 9.48
C GLU A 45 1.63 22.32 10.09
N PRO A 46 0.82 23.37 10.05
CA PRO A 46 1.23 24.65 10.62
C PRO A 46 0.95 24.69 12.12
N TYR A 47 1.53 25.70 12.78
CA TYR A 47 1.20 25.98 14.17
C TYR A 47 1.69 27.36 14.53
N VAL A 48 1.25 27.84 15.69
CA VAL A 48 1.53 29.19 16.17
C VAL A 48 2.20 29.09 17.52
N SER A 49 3.22 29.91 17.73
CA SER A 49 3.90 30.01 19.02
C SER A 49 4.42 31.43 19.18
N CYS A 50 4.46 31.90 20.42
CA CYS A 50 4.85 33.26 20.73
C CYS A 50 6.01 33.27 21.71
N ASP A 51 6.93 34.22 21.51
CA ASP A 51 7.91 34.56 22.54
C ASP A 51 7.27 35.64 23.39
N PRO A 52 7.91 36.14 24.46
CA PRO A 52 7.24 37.17 25.28
C PRO A 52 6.86 38.43 24.52
N ASP A 53 7.45 38.69 23.36
CA ASP A 53 7.21 39.94 22.64
C ASP A 53 6.18 39.83 21.53
N LYS A 54 6.34 38.87 20.62
CA LYS A 54 5.43 38.74 19.49
C LYS A 54 5.21 37.26 19.17
N CYS A 55 4.21 37.03 18.33
CA CYS A 55 3.79 35.70 17.94
C CYS A 55 4.28 35.35 16.54
N TYR A 56 4.49 34.06 16.31
CA TYR A 56 5.00 33.56 15.05
C TYR A 56 4.14 32.42 14.54
N GLN A 57 4.03 32.31 13.22
CA GLN A 57 3.40 31.18 12.58
C GLN A 57 4.48 30.27 12.00
N PHE A 58 4.34 28.97 12.24
CA PHE A 58 5.24 27.96 11.73
C PHE A 58 4.49 27.06 10.76
N ALA A 59 5.25 26.38 9.91
CA ALA A 59 4.68 25.39 8.99
C ALA A 59 5.82 24.58 8.39
N LEU A 60 5.48 23.38 7.93
CA LEU A 60 6.44 22.51 7.25
C LEU A 60 6.30 22.73 5.75
N GLY A 61 7.30 23.36 5.15
CA GLY A 61 7.28 23.60 3.72
C GLY A 61 7.51 22.32 2.93
N GLN A 62 7.26 22.42 1.64
CA GLN A 62 7.52 21.32 0.71
C GLN A 62 8.63 21.65 -0.28
N GLY A 63 9.50 22.59 0.08
CA GLY A 63 10.60 22.96 -0.80
C GLY A 63 10.16 23.57 -2.11
N THR A 64 9.01 24.22 -2.15
CA THR A 64 8.50 24.77 -3.38
C THR A 64 7.44 25.82 -3.07
N THR A 65 7.22 26.70 -4.04
CA THR A 65 6.06 27.59 -4.01
C THR A 65 4.89 26.90 -4.72
N LEU A 66 3.73 27.55 -4.71
CA LEU A 66 2.53 26.92 -5.27
C LEU A 66 2.52 27.00 -6.80
N ASN A 67 2.72 28.20 -7.35
CA ASN A 67 2.81 28.37 -8.80
C ASN A 67 4.21 27.96 -9.23
N ASN A 68 4.41 26.65 -9.34
CA ASN A 68 5.73 26.04 -9.44
C ASN A 68 5.57 24.59 -9.87
N VAL A 69 6.39 24.13 -10.82
CA VAL A 69 6.27 22.75 -11.30
C VAL A 69 6.50 21.75 -10.17
N HIS A 70 7.27 22.16 -9.16
CA HIS A 70 7.58 21.26 -8.05
C HIS A 70 6.44 21.12 -7.05
N SER A 71 5.35 21.88 -7.20
CA SER A 71 4.21 21.73 -6.31
C SER A 71 3.33 20.54 -6.68
N ASN A 72 3.61 19.88 -7.79
CA ASN A 72 2.91 18.65 -8.15
C ASN A 72 3.22 17.55 -7.15
N ASN A 73 2.18 16.81 -6.75
CA ASN A 73 2.32 15.64 -5.87
C ASN A 73 2.86 16.02 -4.50
N THR A 74 2.42 17.15 -3.96
CA THR A 74 2.82 17.57 -2.62
C THR A 74 1.93 16.97 -1.54
N VAL A 75 1.25 15.86 -1.84
CA VAL A 75 0.54 15.11 -0.82
C VAL A 75 1.49 14.23 -0.01
N ARG A 76 2.67 13.93 -0.55
CA ARG A 76 3.70 13.20 0.18
C ARG A 76 4.14 13.99 1.40
N ASP A 77 4.18 13.34 2.56
CA ASP A 77 4.42 14.03 3.82
C ASP A 77 5.88 13.99 4.27
N ARG A 78 6.72 13.14 3.70
CA ARG A 78 8.13 13.06 4.07
C ARG A 78 8.99 13.12 2.81
N THR A 79 9.75 14.20 2.67
CA THR A 79 10.74 14.37 1.62
C THR A 79 11.97 15.03 2.21
N PRO A 80 13.13 14.91 1.56
CA PRO A 80 14.32 15.61 2.06
C PRO A 80 14.28 17.12 1.87
N TYR A 81 13.26 17.66 1.21
CA TYR A 81 13.19 19.08 0.91
C TYR A 81 12.28 19.84 1.88
N ARG A 82 11.62 19.15 2.79
CA ARG A 82 10.76 19.81 3.75
C ARG A 82 11.61 20.52 4.80
N THR A 83 11.26 21.78 5.08
CA THR A 83 11.93 22.60 6.08
C THR A 83 10.88 23.30 6.93
N LEU A 84 11.27 23.70 8.13
CA LEU A 84 10.40 24.44 9.03
C LEU A 84 10.47 25.91 8.69
N LEU A 85 9.32 26.51 8.37
CA LEU A 85 9.21 27.92 8.04
C LEU A 85 8.78 28.72 9.27
N MET A 86 9.30 29.94 9.38
CA MET A 86 9.03 30.80 10.52
C MET A 86 8.83 32.22 10.04
N ASN A 87 7.65 32.78 10.34
CA ASN A 87 7.33 34.17 10.05
C ASN A 87 6.59 34.76 11.24
N GLU A 88 6.62 36.08 11.34
CA GLU A 88 5.71 36.75 12.28
C GLU A 88 4.28 36.44 11.91
N LEU A 89 3.44 36.26 12.92
CA LEU A 89 2.04 35.91 12.70
C LEU A 89 1.37 36.98 11.85
N GLY A 90 0.78 36.56 10.72
CA GLY A 90 0.13 37.47 9.81
C GLY A 90 0.92 37.75 8.55
N VAL A 91 2.21 37.46 8.53
CA VAL A 91 3.04 37.60 7.34
C VAL A 91 2.98 36.29 6.58
N PRO A 92 2.36 36.24 5.40
CA PRO A 92 2.30 34.97 4.65
C PRO A 92 3.68 34.49 4.27
N PHE A 93 3.77 33.19 3.98
CA PHE A 93 5.06 32.54 3.70
C PHE A 93 5.49 32.89 2.28
N HIS A 94 6.09 34.08 2.14
CA HIS A 94 6.63 34.55 0.89
C HIS A 94 8.08 34.09 0.73
N LEU A 95 8.73 34.53 -0.35
CA LEU A 95 10.07 34.04 -0.68
C LEU A 95 11.13 34.53 0.30
N GLY A 96 10.82 35.54 1.11
CA GLY A 96 11.73 36.00 2.13
C GLY A 96 11.65 35.24 3.44
N THR A 97 10.82 34.20 3.50
CA THR A 97 10.63 33.45 4.74
C THR A 97 11.89 32.65 5.09
N LYS A 98 12.22 32.64 6.38
CA LYS A 98 13.37 31.91 6.87
C LYS A 98 13.02 30.44 7.10
N GLN A 99 13.84 29.54 6.55
CA GLN A 99 13.76 28.12 6.86
C GLN A 99 14.70 27.84 8.02
N VAL A 100 14.15 27.56 9.20
CA VAL A 100 14.98 27.50 10.40
C VAL A 100 15.66 26.14 10.60
N CYS A 101 15.20 25.09 9.92
CA CYS A 101 15.80 23.78 10.04
C CYS A 101 15.21 22.85 8.98
N ILE A 102 15.87 21.71 8.76
CA ILE A 102 15.36 20.66 7.89
C ILE A 102 14.44 19.76 8.69
N ALA A 103 13.20 19.59 8.21
CA ALA A 103 12.22 18.85 8.98
C ALA A 103 10.99 18.46 8.17
N TRP A 104 10.58 17.19 8.26
CA TRP A 104 9.22 16.81 7.88
C TRP A 104 8.35 16.53 9.09
N SER A 105 8.84 16.87 10.29
CA SER A 105 8.06 16.89 11.52
C SER A 105 8.81 17.78 12.50
N SER A 106 8.08 18.56 13.31
CA SER A 106 8.76 19.57 14.09
C SER A 106 7.91 19.98 15.29
N SER A 107 8.58 20.70 16.20
CA SER A 107 7.96 21.38 17.33
C SER A 107 8.89 22.53 17.74
N SER A 108 8.29 23.62 18.22
CA SER A 108 9.04 24.83 18.55
C SER A 108 8.47 25.49 19.79
N CYS A 109 9.35 26.11 20.58
CA CYS A 109 8.91 26.85 21.76
C CYS A 109 10.01 27.80 22.22
N HIS A 110 9.59 28.83 22.93
CA HIS A 110 10.48 29.85 23.48
C HIS A 110 10.46 29.75 25.00
N ASP A 111 11.65 29.62 25.59
CA ASP A 111 11.76 29.44 27.03
C ASP A 111 11.83 30.75 27.79
N GLY A 112 11.62 31.87 27.12
CA GLY A 112 11.79 33.18 27.72
C GLY A 112 13.10 33.85 27.37
N LYS A 113 14.09 33.08 26.95
CA LYS A 113 15.39 33.61 26.53
C LYS A 113 15.69 33.39 25.06
N ALA A 114 15.34 32.22 24.52
CA ALA A 114 15.68 31.90 23.13
C ALA A 114 14.71 30.86 22.60
N TRP A 115 14.74 30.67 21.28
CA TRP A 115 13.88 29.71 20.61
C TRP A 115 14.52 28.33 20.60
N LEU A 116 13.68 27.31 20.81
CA LEU A 116 14.07 25.92 20.62
C LEU A 116 13.26 25.33 19.48
N HIS A 117 13.94 24.67 18.56
CA HIS A 117 13.29 23.96 17.47
C HIS A 117 13.68 22.50 17.53
N VAL A 118 12.68 21.62 17.47
CA VAL A 118 12.89 20.18 17.36
C VAL A 118 12.54 19.79 15.93
N CYS A 119 13.51 19.27 15.20
CA CYS A 119 13.37 19.07 13.75
C CYS A 119 13.78 17.65 13.40
N ILE A 120 12.86 16.91 12.76
CA ILE A 120 13.07 15.52 12.40
C ILE A 120 13.13 15.41 10.88
N THR A 121 14.18 14.76 10.38
CA THR A 121 14.32 14.52 8.96
C THR A 121 15.14 13.26 8.77
N GLY A 122 15.20 12.78 7.53
CA GLY A 122 15.98 11.62 7.18
C GLY A 122 15.13 10.45 6.77
N ASP A 123 15.76 9.27 6.76
CA ASP A 123 15.10 8.05 6.31
C ASP A 123 13.97 7.65 7.26
N ASP A 124 12.98 6.93 6.72
CA ASP A 124 11.86 6.47 7.52
C ASP A 124 12.32 5.54 8.65
N LYS A 125 13.23 4.62 8.34
CA LYS A 125 13.69 3.65 9.33
C LYS A 125 14.80 4.17 10.22
N ASN A 126 15.27 5.41 10.01
CA ASN A 126 16.47 5.88 10.69
C ASN A 126 16.50 7.40 10.73
N ALA A 127 15.41 8.02 11.20
CA ALA A 127 15.31 9.47 11.20
C ALA A 127 16.18 10.07 12.30
N THR A 128 16.40 11.38 12.17
CA THR A 128 17.24 12.13 13.11
C THR A 128 16.47 13.34 13.60
N ALA A 129 16.38 13.50 14.91
CA ALA A 129 15.79 14.68 15.53
C ALA A 129 16.92 15.62 15.92
N SER A 130 16.91 16.83 15.36
CA SER A 130 17.89 17.86 15.69
C SER A 130 17.28 18.83 16.69
N PHE A 131 18.11 19.30 17.62
CA PHE A 131 17.67 20.22 18.67
C PHE A 131 18.46 21.52 18.52
N ILE A 132 17.79 22.56 18.04
CA ILE A 132 18.41 23.83 17.72
C ILE A 132 17.92 24.86 18.73
N TYR A 133 18.85 25.48 19.44
CA TYR A 133 18.53 26.44 20.49
C TYR A 133 19.31 27.72 20.24
N ASN A 134 18.59 28.83 20.15
CA ASN A 134 19.19 30.13 19.84
C ASN A 134 20.01 30.07 18.56
N GLY A 135 19.48 29.37 17.56
CA GLY A 135 20.11 29.33 16.25
C GLY A 135 21.32 28.42 16.13
N ARG A 136 21.60 27.58 17.12
CA ARG A 136 22.74 26.69 17.10
C ARG A 136 22.29 25.27 17.42
N LEU A 137 22.87 24.29 16.74
CA LEU A 137 22.58 22.89 17.01
C LEU A 137 23.28 22.47 18.30
N ILE A 138 22.50 21.97 19.25
CA ILE A 138 23.01 21.59 20.56
C ILE A 138 22.99 20.09 20.77
N ASP A 139 21.97 19.41 20.25
CA ASP A 139 21.82 17.98 20.52
C ASP A 139 21.12 17.31 19.35
N SER A 140 21.14 15.98 19.36
CA SER A 140 20.49 15.17 18.34
C SER A 140 20.24 13.78 18.91
N VAL A 141 19.19 13.15 18.41
CA VAL A 141 18.85 11.79 18.83
C VAL A 141 18.29 11.04 17.62
N VAL A 142 18.59 9.76 17.54
CA VAL A 142 18.12 8.91 16.45
C VAL A 142 16.80 8.29 16.83
N SER A 143 16.03 7.90 15.82
CA SER A 143 14.81 7.13 16.04
C SER A 143 15.11 5.90 16.87
N TRP A 144 14.26 5.63 17.87
CA TRP A 144 14.48 4.50 18.76
C TRP A 144 13.76 3.25 18.31
N SER A 145 12.61 3.37 17.66
CA SER A 145 11.88 2.22 17.15
C SER A 145 12.15 1.95 15.67
N LYS A 146 12.93 2.81 15.01
CA LYS A 146 13.34 2.61 13.62
C LYS A 146 12.12 2.51 12.70
N ASP A 147 11.11 3.34 12.97
CA ASP A 147 9.87 3.27 12.20
C ASP A 147 9.16 4.62 12.20
N ILE A 148 9.76 5.62 11.53
CA ILE A 148 9.20 6.96 11.37
C ILE A 148 9.07 7.68 12.71
N LEU A 149 10.15 8.33 13.14
CA LEU A 149 10.11 9.18 14.33
C LEU A 149 9.37 10.47 14.03
N ARG A 150 8.44 10.86 14.90
CA ARG A 150 7.63 12.05 14.67
C ARG A 150 7.36 12.73 16.00
N THR A 151 6.95 14.01 15.92
CA THR A 151 6.66 14.77 17.13
C THR A 151 5.36 15.56 17.02
N GLN A 152 5.26 16.69 17.73
CA GLN A 152 3.98 17.30 18.07
C GLN A 152 3.31 18.03 16.91
N GLU A 153 4.08 18.67 16.02
CA GLU A 153 3.56 19.59 15.01
C GLU A 153 2.81 20.76 15.64
N SER A 154 3.21 21.15 16.85
CA SER A 154 2.73 22.35 17.51
C SER A 154 3.75 22.75 18.56
N GLU A 155 3.44 23.79 19.32
CA GLU A 155 4.45 24.35 20.22
C GLU A 155 4.71 23.42 21.40
N CYS A 156 5.98 23.31 21.77
CA CYS A 156 6.34 22.69 23.02
C CYS A 156 6.15 23.69 24.16
N VAL A 157 6.45 23.27 25.38
CA VAL A 157 6.21 24.08 26.57
C VAL A 157 7.46 24.06 27.44
N CYS A 158 7.91 25.25 27.85
CA CYS A 158 9.09 25.40 28.69
C CYS A 158 8.69 26.01 30.03
N ILE A 159 9.27 25.47 31.10
CA ILE A 159 9.05 25.98 32.45
C ILE A 159 10.39 26.01 33.16
N ASN A 160 10.82 27.21 33.59
CA ASN A 160 12.04 27.38 34.37
C ASN A 160 13.28 26.92 33.59
N GLY A 161 13.26 27.07 32.27
CA GLY A 161 14.37 26.68 31.44
C GLY A 161 14.34 25.24 30.96
N THR A 162 13.35 24.45 31.38
CA THR A 162 13.23 23.06 30.96
C THR A 162 12.03 22.94 30.02
N CYS A 163 12.30 22.57 28.78
CA CYS A 163 11.26 22.42 27.77
C CYS A 163 10.92 20.95 27.60
N THR A 164 9.63 20.66 27.44
CA THR A 164 9.14 19.30 27.25
C THR A 164 8.54 19.16 25.85
N VAL A 165 8.85 18.04 25.21
CA VAL A 165 8.31 17.73 23.88
C VAL A 165 7.97 16.25 23.82
N VAL A 166 6.82 15.94 23.23
CA VAL A 166 6.35 14.57 23.10
C VAL A 166 6.73 14.05 21.73
N MET A 167 7.35 12.87 21.69
CA MET A 167 7.78 12.25 20.44
C MET A 167 7.39 10.78 20.45
N THR A 168 7.04 10.28 19.27
CA THR A 168 6.58 8.91 19.10
C THR A 168 7.32 8.26 17.93
N ASP A 169 7.48 6.94 18.01
CA ASP A 169 8.17 6.17 16.99
C ASP A 169 7.44 4.86 16.78
N GLY A 170 7.32 4.43 15.52
CA GLY A 170 6.67 3.17 15.22
C GLY A 170 5.17 3.29 15.18
N ASN A 171 4.48 2.35 15.82
CA ASN A 171 3.03 2.36 15.91
C ASN A 171 2.53 3.64 16.56
N ASP A 177 6.02 3.50 20.47
CA ASP A 177 6.82 3.86 21.65
C ASP A 177 6.95 5.38 21.77
N THR A 178 6.16 5.95 22.67
CA THR A 178 6.13 7.39 22.87
C THR A 178 7.03 7.77 24.04
N LYS A 179 7.84 8.81 23.85
CA LYS A 179 8.76 9.29 24.87
C LYS A 179 8.56 10.79 25.07
N ILE A 180 8.86 11.25 26.28
CA ILE A 180 8.80 12.66 26.62
C ILE A 180 10.22 13.11 26.94
N LEU A 181 10.72 14.08 26.19
CA LEU A 181 12.09 14.56 26.31
C LEU A 181 12.11 15.88 27.05
N PHE A 182 13.10 16.05 27.92
CA PHE A 182 13.29 17.27 28.69
C PHE A 182 14.57 17.94 28.23
N ILE A 183 14.45 19.18 27.75
CA ILE A 183 15.52 19.87 27.05
C ILE A 183 15.82 21.18 27.76
N GLU A 184 17.09 21.40 28.08
CA GLU A 184 17.54 22.63 28.71
C GLU A 184 18.57 23.28 27.79
N GLU A 185 18.22 24.45 27.24
CA GLU A 185 19.09 25.18 26.32
C GLU A 185 19.58 24.29 25.18
N GLY A 186 18.67 23.46 24.66
CA GLY A 186 18.96 22.62 23.52
C GLY A 186 19.51 21.25 23.84
N LYS A 187 19.87 20.98 25.09
CA LYS A 187 20.48 19.72 25.48
C LYS A 187 19.45 18.79 26.10
N ILE A 188 19.36 17.56 25.59
CA ILE A 188 18.49 16.56 26.18
C ILE A 188 19.07 16.19 27.54
N VAL A 189 18.35 16.52 28.62
CA VAL A 189 18.82 16.23 29.97
C VAL A 189 18.10 15.06 30.62
N HIS A 190 16.94 14.64 30.07
CA HIS A 190 16.21 13.51 30.62
C HIS A 190 15.20 13.03 29.58
N THR A 191 14.95 11.72 29.59
CA THR A 191 13.98 11.11 28.69
C THR A 191 13.11 10.16 29.50
N SER A 192 11.79 10.37 29.46
CA SER A 192 10.84 9.55 30.17
C SER A 192 9.93 8.83 29.18
N LYS A 193 9.70 7.54 29.43
CA LYS A 193 8.77 6.78 28.61
C LYS A 193 7.34 7.10 29.00
N LEU A 194 6.43 6.98 28.03
CA LEU A 194 5.02 7.28 28.27
C LEU A 194 4.42 6.26 29.22
N SER A 195 3.85 6.72 30.33
CA SER A 195 3.23 5.85 31.31
C SER A 195 1.76 6.21 31.45
N GLY A 196 0.95 5.24 31.88
CA GLY A 196 -0.47 5.49 32.05
C GLY A 196 -1.33 4.65 31.13
N SER A 197 -2.61 5.01 30.99
CA SER A 197 -3.58 4.20 30.27
C SER A 197 -3.86 4.69 28.85
N ALA A 198 -3.18 5.74 28.38
CA ALA A 198 -3.30 6.14 26.99
C ALA A 198 -2.58 5.12 26.12
N GLN A 199 -3.30 4.54 25.15
CA GLN A 199 -2.77 3.41 24.40
C GLN A 199 -2.05 3.82 23.13
N HIS A 200 -2.43 4.95 22.52
CA HIS A 200 -1.74 5.48 21.35
C HIS A 200 -1.76 6.99 21.43
N VAL A 201 -0.58 7.61 21.28
CA VAL A 201 -0.40 9.02 21.54
C VAL A 201 0.40 9.62 20.39
N GLU A 202 -0.20 10.60 19.70
CA GLU A 202 0.43 11.23 18.55
C GLU A 202 0.01 12.69 18.48
N GLU A 203 0.90 13.52 17.95
CA GLU A 203 0.62 14.92 17.60
C GLU A 203 -0.06 15.66 18.76
N CYS A 204 0.67 15.74 19.88
CA CYS A 204 0.11 16.30 21.10
C CYS A 204 0.03 17.82 21.02
N SER A 205 -1.10 18.37 21.48
CA SER A 205 -1.27 19.80 21.67
C SER A 205 -1.08 20.08 23.16
N CYS A 206 0.10 20.60 23.52
CA CYS A 206 0.48 20.77 24.91
C CYS A 206 0.34 22.23 25.33
N TYR A 207 0.08 22.44 26.63
CA TYR A 207 -0.03 23.78 27.17
C TYR A 207 0.46 23.78 28.60
N PRO A 208 1.02 24.89 29.08
CA PRO A 208 1.48 24.96 30.47
C PRO A 208 0.30 24.96 31.43
N ARG A 209 0.33 24.05 32.39
CA ARG A 209 -0.64 23.99 33.48
C ARG A 209 0.20 23.87 34.75
N TYR A 210 0.59 25.02 35.30
CA TYR A 210 1.53 25.06 36.40
C TYR A 210 1.06 24.15 37.54
N PRO A 211 1.97 23.38 38.16
CA PRO A 211 3.40 23.40 37.90
C PRO A 211 3.88 22.45 36.81
N GLY A 212 2.96 21.93 35.99
CA GLY A 212 3.34 20.97 34.98
C GLY A 212 2.89 21.33 33.57
N VAL A 213 2.92 20.35 32.68
CA VAL A 213 2.48 20.51 31.30
C VAL A 213 1.41 19.48 31.02
N ARG A 214 0.32 19.91 30.37
CA ARG A 214 -0.77 19.03 29.99
C ARG A 214 -0.86 18.99 28.47
N CYS A 215 -1.01 17.79 27.92
CA CYS A 215 -1.12 17.59 26.48
C CYS A 215 -2.40 16.83 26.15
N VAL A 216 -3.09 17.28 25.11
CA VAL A 216 -4.22 16.56 24.53
C VAL A 216 -3.80 16.14 23.12
N CYS A 217 -3.85 14.84 22.86
CA CYS A 217 -3.22 14.31 21.66
C CYS A 217 -4.20 13.57 20.76
N ARG A 218 -3.69 12.66 19.94
CA ARG A 218 -4.47 11.98 18.92
C ARG A 218 -4.20 10.49 19.01
N ASP A 219 -5.25 9.70 19.18
CA ASP A 219 -5.18 8.24 19.19
C ASP A 219 -5.58 7.77 17.80
N ASN A 220 -4.59 7.42 16.98
CA ASN A 220 -4.83 7.07 15.58
C ASN A 220 -5.21 5.61 15.37
N TRP A 221 -5.40 4.84 16.43
CA TRP A 221 -5.64 3.41 16.25
C TRP A 221 -6.92 2.91 16.88
N LYS A 222 -7.27 3.37 18.09
CA LYS A 222 -8.31 2.70 18.85
C LYS A 222 -9.44 3.59 19.36
N GLY A 223 -9.30 4.91 19.38
CA GLY A 223 -10.30 5.75 20.01
C GLY A 223 -10.51 7.04 19.28
N SER A 224 -11.76 7.53 19.34
CA SER A 224 -12.10 8.87 18.90
C SER A 224 -12.17 9.86 20.05
N ASN A 225 -12.02 9.40 21.29
CA ASN A 225 -11.76 10.29 22.40
C ASN A 225 -10.27 10.58 22.45
N ARG A 226 -9.91 11.83 22.75
CA ARG A 226 -8.51 12.23 22.67
C ARG A 226 -7.76 11.79 23.93
N PRO A 227 -6.55 11.26 23.78
CA PRO A 227 -5.73 10.95 24.96
C PRO A 227 -5.17 12.20 25.60
N ILE A 228 -4.91 12.10 26.91
CA ILE A 228 -4.29 13.16 27.69
C ILE A 228 -2.95 12.65 28.21
N VAL A 229 -1.94 13.52 28.23
CA VAL A 229 -0.65 13.23 28.83
C VAL A 229 -0.30 14.37 29.78
N ASP A 230 -0.03 14.03 31.04
CA ASP A 230 0.36 15.01 32.04
C ASP A 230 1.83 14.82 32.38
N ILE A 231 2.58 15.91 32.34
CA ILE A 231 4.04 15.87 32.50
C ILE A 231 4.41 16.66 33.75
N ASN A 232 5.13 16.02 34.66
CA ASN A 232 5.67 16.68 35.84
C ASN A 232 7.10 17.12 35.53
N ILE A 233 7.33 18.43 35.55
CA ILE A 233 8.63 18.97 35.15
C ILE A 233 9.72 18.68 36.19
N LYS A 234 9.35 18.44 37.44
CA LYS A 234 10.34 18.35 38.50
C LYS A 234 10.89 16.93 38.68
N ASP A 235 10.03 15.90 38.62
CA ASP A 235 10.48 14.53 38.78
C ASP A 235 10.38 13.72 37.49
N HIS A 236 9.97 14.34 36.39
CA HIS A 236 9.93 13.72 35.06
C HIS A 236 8.94 12.56 34.98
N SER A 237 7.95 12.51 35.87
CA SER A 237 6.96 11.44 35.85
C SER A 237 5.84 11.77 34.87
N ILE A 238 5.32 10.73 34.22
CA ILE A 238 4.30 10.86 33.19
C ILE A 238 3.08 10.05 33.61
N VAL A 239 1.90 10.66 33.48
CA VAL A 239 0.63 9.95 33.62
C VAL A 239 -0.24 10.30 32.43
N SER A 240 -1.07 9.35 32.02
CA SER A 240 -1.85 9.53 30.80
C SER A 240 -3.21 8.88 30.93
N SER A 241 -4.23 9.53 30.36
CA SER A 241 -5.59 9.02 30.34
C SER A 241 -6.29 9.45 29.06
N TYR A 242 -7.60 9.70 29.13
CA TYR A 242 -8.36 10.17 27.97
C TYR A 242 -9.33 11.26 28.42
N VAL A 243 -9.66 12.15 27.48
CA VAL A 243 -10.65 13.19 27.76
C VAL A 243 -12.00 12.53 28.03
N CYS A 244 -12.61 12.87 29.17
CA CYS A 244 -13.82 12.18 29.58
C CYS A 244 -15.01 12.52 28.69
N SER A 245 -15.08 13.77 28.20
CA SER A 245 -16.27 14.32 27.56
C SER A 245 -16.96 13.33 26.62
N GLY A 246 -18.26 13.12 26.85
CA GLY A 246 -19.04 12.27 25.98
C GLY A 246 -19.17 12.80 24.57
N LEU A 247 -18.93 14.09 24.37
CA LEU A 247 -18.80 14.67 23.04
C LEU A 247 -17.32 14.59 22.67
N VAL A 248 -16.96 13.57 21.91
CA VAL A 248 -15.56 13.33 21.61
C VAL A 248 -15.05 14.32 20.57
N GLY A 249 -13.74 14.48 20.50
CA GLY A 249 -13.16 15.56 19.73
C GLY A 249 -12.39 15.17 18.48
N ASP A 250 -12.21 13.88 18.24
CA ASP A 250 -11.47 13.45 17.07
C ASP A 250 -12.40 13.28 15.87
N THR A 251 -11.79 13.03 14.71
CA THR A 251 -12.50 12.82 13.45
C THR A 251 -11.73 11.73 12.70
N PRO A 252 -12.40 10.65 12.28
CA PRO A 252 -13.84 10.41 12.37
C PRO A 252 -14.35 9.99 13.75
N ARG A 253 -15.67 10.04 13.90
CA ARG A 253 -16.34 9.74 15.16
C ARG A 253 -17.81 9.50 14.86
N LYS A 254 -18.52 8.96 15.85
CA LYS A 254 -19.96 8.79 15.72
C LYS A 254 -20.67 10.11 16.01
N ASN A 255 -21.96 10.16 15.69
CA ASN A 255 -22.73 11.38 15.96
C ASN A 255 -22.90 11.57 17.46
N ASP A 256 -23.41 12.75 17.84
CA ASP A 256 -23.45 13.13 19.23
C ASP A 256 -24.39 12.25 20.05
N SER A 257 -25.45 11.73 19.44
CA SER A 257 -26.43 10.95 20.19
C SER A 257 -25.98 9.52 20.45
N SER A 258 -25.07 8.98 19.64
CA SER A 258 -24.64 7.59 19.79
C SER A 258 -23.19 7.44 20.21
N SER A 259 -22.42 8.53 20.26
CA SER A 259 -21.03 8.43 20.68
C SER A 259 -20.95 8.18 22.18
N SER A 260 -19.86 7.54 22.60
CA SER A 260 -19.61 7.28 24.01
C SER A 260 -18.14 7.60 24.29
N SER A 261 -17.79 7.60 25.57
CA SER A 261 -16.44 7.96 25.97
C SER A 261 -16.06 7.22 27.25
N HIS A 262 -14.83 7.43 27.70
CA HIS A 262 -14.28 6.78 28.87
C HIS A 262 -13.09 7.61 29.34
N CYS A 263 -12.91 7.70 30.66
CA CYS A 263 -11.87 8.55 31.21
C CYS A 263 -10.49 7.89 31.18
N LEU A 264 -10.42 6.57 31.05
CA LEU A 264 -9.15 5.86 31.09
C LEU A 264 -8.86 5.02 29.85
N ASN A 265 -9.87 4.64 29.08
CA ASN A 265 -9.69 3.76 27.93
C ASN A 265 -10.16 4.45 26.65
N PRO A 266 -9.64 4.04 25.49
CA PRO A 266 -10.23 4.49 24.23
C PRO A 266 -11.63 3.92 24.07
N ASN A 267 -12.48 4.69 23.38
CA ASN A 267 -13.88 4.30 23.24
C ASN A 267 -14.10 3.23 22.18
N ASN A 268 -13.08 2.86 21.41
CA ASN A 268 -13.17 1.82 20.39
C ASN A 268 -14.23 2.17 19.33
N GLU A 269 -14.35 3.46 19.02
CA GLU A 269 -15.30 3.94 18.03
C GLU A 269 -14.54 4.69 16.94
N GLU A 270 -14.62 4.17 15.71
CA GLU A 270 -14.03 4.80 14.53
C GLU A 270 -12.51 4.97 14.69
N GLY A 271 -11.85 3.88 15.06
CA GLY A 271 -10.41 3.88 15.10
C GLY A 271 -9.79 3.72 13.72
N GLY A 272 -8.47 3.85 13.67
CA GLY A 272 -7.72 3.71 12.44
C GLY A 272 -7.39 5.02 11.75
N HIS A 273 -8.02 6.11 12.14
CA HIS A 273 -7.73 7.43 11.60
C HIS A 273 -7.89 8.44 12.72
N GLY A 274 -7.69 9.71 12.39
CA GLY A 274 -7.80 10.77 13.37
C GLY A 274 -7.34 12.07 12.76
N VAL A 275 -7.31 13.09 13.61
CA VAL A 275 -6.83 14.41 13.23
C VAL A 275 -6.25 15.09 14.47
N LYS A 276 -5.17 15.83 14.27
CA LYS A 276 -4.58 16.57 15.38
C LYS A 276 -5.58 17.60 15.90
N GLY A 277 -5.78 17.61 17.21
CA GLY A 277 -6.73 18.52 17.83
C GLY A 277 -6.29 18.98 19.19
N TRP A 278 -7.17 19.65 19.92
CA TRP A 278 -6.81 20.23 21.20
C TRP A 278 -8.01 20.24 22.13
N ALA A 279 -7.72 20.45 23.42
CA ALA A 279 -8.69 20.64 24.48
C ALA A 279 -7.95 21.14 25.71
N PHE A 280 -8.64 21.87 26.57
CA PHE A 280 -8.05 22.27 27.84
C PHE A 280 -9.14 22.37 28.89
N ASP A 281 -8.74 22.16 30.14
CA ASP A 281 -9.69 22.05 31.24
C ASP A 281 -9.99 23.41 31.85
N ASP A 282 -11.23 23.55 32.34
CA ASP A 282 -11.72 24.75 33.03
C ASP A 282 -12.51 24.23 34.24
N GLY A 283 -11.79 23.93 35.32
CA GLY A 283 -12.42 23.25 36.44
C GLY A 283 -12.80 21.84 36.04
N ASN A 284 -14.06 21.48 36.26
CA ASN A 284 -14.56 20.19 35.80
C ASN A 284 -15.02 20.21 34.35
N ASP A 285 -15.03 21.38 33.71
CA ASP A 285 -15.45 21.51 32.33
C ASP A 285 -14.24 21.44 31.39
N VAL A 286 -14.53 21.27 30.10
CA VAL A 286 -13.49 21.19 29.08
C VAL A 286 -13.87 22.08 27.92
N TRP A 287 -12.92 22.89 27.45
CA TRP A 287 -13.04 23.60 26.20
C TRP A 287 -12.34 22.80 25.11
N MET A 288 -12.98 22.67 23.95
CA MET A 288 -12.40 21.86 22.89
C MET A 288 -12.87 22.36 21.54
N GLY A 289 -12.07 22.06 20.53
CA GLY A 289 -12.46 22.28 19.15
C GLY A 289 -12.53 20.96 18.40
N ARG A 290 -13.27 20.93 17.30
CA ARG A 290 -13.36 19.73 16.48
C ARG A 290 -13.98 20.12 15.15
N THR A 291 -13.85 19.22 14.18
CA THR A 291 -14.55 19.39 12.91
C THR A 291 -16.05 19.23 13.12
N ILE A 292 -16.83 19.99 12.35
CA ILE A 292 -18.28 19.88 12.43
C ILE A 292 -18.74 18.55 11.84
N ASN A 293 -18.28 18.25 10.62
CA ASN A 293 -18.54 16.97 10.00
C ASN A 293 -17.90 15.84 10.82
N GLU A 294 -18.66 14.78 11.05
CA GLU A 294 -18.20 13.70 11.92
C GLU A 294 -17.26 12.72 11.23
N THR A 295 -17.25 12.70 9.90
CA THR A 295 -16.42 11.74 9.16
C THR A 295 -15.27 12.37 8.39
N SER A 296 -15.40 13.63 7.97
CA SER A 296 -14.36 14.28 7.18
C SER A 296 -14.01 15.62 7.80
N ARG A 297 -12.87 16.16 7.35
CA ARG A 297 -12.35 17.41 7.88
C ARG A 297 -13.04 18.60 7.21
N LEU A 298 -14.32 18.74 7.51
CA LEU A 298 -15.16 19.82 7.00
C LEU A 298 -15.71 20.61 8.18
N GLY A 299 -15.54 21.93 8.16
CA GLY A 299 -15.99 22.78 9.23
C GLY A 299 -15.14 22.68 10.48
N TYR A 300 -15.33 23.62 11.40
CA TYR A 300 -14.64 23.58 12.69
C TYR A 300 -15.47 24.34 13.71
N GLU A 301 -15.65 23.73 14.88
CA GLU A 301 -16.46 24.30 15.95
C GLU A 301 -15.70 24.20 17.26
N THR A 302 -15.99 25.15 18.15
CA THR A 302 -15.51 25.10 19.53
C THR A 302 -16.70 25.22 20.47
N PHE A 303 -16.58 24.60 21.64
CA PHE A 303 -17.62 24.68 22.66
C PHE A 303 -17.06 24.23 23.99
N LYS A 304 -17.81 24.50 25.05
CA LYS A 304 -17.51 24.01 26.38
C LYS A 304 -18.50 22.92 26.73
N VAL A 305 -17.99 21.81 27.28
CA VAL A 305 -18.82 20.71 27.75
C VAL A 305 -18.80 20.75 29.27
N VAL A 306 -19.96 20.98 29.87
CA VAL A 306 -20.04 21.05 31.33
C VAL A 306 -19.84 19.66 31.90
N GLU A 307 -18.99 19.56 32.93
CA GLU A 307 -18.51 18.30 33.51
C GLU A 307 -17.75 17.46 32.49
N GLY A 308 -17.38 18.04 31.34
CA GLY A 308 -16.76 17.28 30.27
C GLY A 308 -15.35 16.81 30.59
N TRP A 309 -14.70 17.39 31.60
CA TRP A 309 -13.37 16.95 31.96
C TRP A 309 -13.37 15.81 32.96
N SER A 310 -14.49 15.57 33.65
CA SER A 310 -14.54 14.58 34.70
C SER A 310 -15.66 13.57 34.58
N ASN A 311 -16.60 13.75 33.65
CA ASN A 311 -17.77 12.87 33.54
C ASN A 311 -17.86 12.33 32.12
N PRO A 312 -17.65 11.04 31.91
CA PRO A 312 -17.72 10.49 30.55
C PRO A 312 -19.13 10.37 30.01
N LYS A 313 -20.15 10.62 30.81
CA LYS A 313 -21.54 10.58 30.36
C LYS A 313 -22.07 11.94 29.95
N SER A 314 -21.27 13.00 30.09
CA SER A 314 -21.74 14.35 29.83
C SER A 314 -21.76 14.65 28.34
N LYS A 315 -22.91 15.09 27.84
CA LYS A 315 -23.07 15.53 26.46
C LYS A 315 -23.71 16.91 26.42
N LEU A 316 -23.56 17.67 27.49
CA LEU A 316 -24.18 18.98 27.63
C LEU A 316 -23.16 20.06 27.27
N GLN A 317 -23.29 20.62 26.07
CA GLN A 317 -22.37 21.64 25.61
C GLN A 317 -23.02 23.01 25.67
N ILE A 318 -22.16 24.04 25.74
CA ILE A 318 -22.59 25.42 25.79
C ILE A 318 -21.48 26.27 25.19
N ASN A 319 -21.83 27.50 24.79
CA ASN A 319 -20.88 28.46 24.23
C ASN A 319 -20.27 27.93 22.93
N ARG A 320 -21.09 27.28 22.11
CA ARG A 320 -20.63 26.82 20.81
C ARG A 320 -20.30 28.00 19.91
N GLN A 321 -19.25 27.85 19.10
CA GLN A 321 -18.88 28.84 18.10
C GLN A 321 -18.47 28.12 16.83
N VAL A 322 -19.02 28.55 15.70
CA VAL A 322 -18.59 28.05 14.40
C VAL A 322 -17.38 28.86 13.96
N ILE A 323 -16.24 28.19 13.79
CA ILE A 323 -15.05 28.84 13.27
C ILE A 323 -14.98 28.74 11.76
N VAL A 324 -15.27 27.56 11.22
CA VAL A 324 -15.34 27.33 9.78
C VAL A 324 -16.67 26.64 9.49
N ASP A 325 -17.40 27.15 8.50
CA ASP A 325 -18.68 26.56 8.14
C ASP A 325 -18.51 25.10 7.71
N ARG A 326 -19.55 24.31 7.97
CA ARG A 326 -19.50 22.86 7.74
C ARG A 326 -19.22 22.50 6.27
N GLY A 327 -19.45 23.42 5.34
CA GLY A 327 -19.20 23.15 3.94
C GLY A 327 -17.80 23.45 3.47
N ASP A 328 -16.94 23.96 4.34
CA ASP A 328 -15.58 24.35 3.98
C ASP A 328 -14.58 23.47 4.70
N ARG A 329 -13.39 23.36 4.11
CA ARG A 329 -12.38 22.43 4.59
C ARG A 329 -11.63 22.99 5.79
N SER A 330 -11.36 22.11 6.76
CA SER A 330 -10.47 22.46 7.85
C SER A 330 -9.24 21.56 7.82
N GLY A 331 -8.79 21.08 8.97
CA GLY A 331 -7.62 20.23 9.05
C GLY A 331 -7.06 20.16 10.46
N TYR A 332 -5.73 20.13 10.58
CA TYR A 332 -5.12 20.10 11.90
C TYR A 332 -5.49 21.35 12.69
N SER A 333 -5.51 21.21 14.01
CA SER A 333 -5.67 22.35 14.91
C SER A 333 -4.87 22.08 16.17
N GLY A 334 -4.46 23.14 16.84
CA GLY A 334 -3.66 23.01 18.05
C GLY A 334 -3.77 24.25 18.89
N ILE A 335 -3.24 24.13 20.10
CA ILE A 335 -3.35 25.19 21.10
C ILE A 335 -1.99 25.88 21.25
N PHE A 336 -2.03 27.17 21.57
CA PHE A 336 -0.85 27.86 22.08
C PHE A 336 -1.29 28.80 23.19
N SER A 337 -0.38 29.03 24.13
CA SER A 337 -0.67 29.79 25.35
C SER A 337 0.14 31.07 25.37
N VAL A 338 -0.46 32.12 25.95
CA VAL A 338 0.11 33.45 25.97
C VAL A 338 0.01 34.00 27.39
N GLU A 339 1.10 34.61 27.86
CA GLU A 339 1.14 35.15 29.21
C GLU A 339 0.69 36.61 29.21
N GLY A 340 -0.39 36.89 29.90
CA GLY A 340 -0.87 38.25 30.09
C GLY A 340 -0.38 38.86 31.39
N LYS A 341 -0.95 40.02 31.70
CA LYS A 341 -0.54 40.74 32.91
C LYS A 341 -0.78 39.91 34.16
N SER A 342 -1.94 39.25 34.25
CA SER A 342 -2.30 38.50 35.43
C SER A 342 -2.69 37.05 35.18
N CYS A 343 -2.88 36.63 33.94
CA CYS A 343 -3.33 35.27 33.70
C CYS A 343 -2.77 34.75 32.38
N ILE A 344 -2.84 33.43 32.22
CA ILE A 344 -2.37 32.75 31.02
C ILE A 344 -3.57 32.51 30.11
N ASN A 345 -3.53 33.04 28.90
CA ASN A 345 -4.63 32.87 27.96
C ASN A 345 -4.38 31.67 27.05
N ARG A 346 -5.47 31.08 26.57
CA ARG A 346 -5.41 29.95 25.66
C ARG A 346 -5.89 30.41 24.28
N CYS A 347 -5.09 30.12 23.26
CA CYS A 347 -5.44 30.41 21.87
C CYS A 347 -5.30 29.14 21.05
N PHE A 348 -5.84 29.17 19.84
CA PHE A 348 -5.74 28.01 18.96
C PHE A 348 -5.73 28.47 17.51
N TYR A 349 -5.15 27.62 16.66
CA TYR A 349 -5.10 27.82 15.22
C TYR A 349 -5.85 26.68 14.55
N VAL A 350 -6.31 26.91 13.33
CA VAL A 350 -6.93 25.88 12.51
C VAL A 350 -6.25 25.88 11.15
N GLU A 351 -5.76 24.71 10.74
CA GLU A 351 -5.20 24.53 9.42
C GLU A 351 -6.32 24.31 8.42
N LEU A 352 -6.33 25.08 7.34
CA LEU A 352 -7.36 25.01 6.32
C LEU A 352 -6.76 24.38 5.06
N ILE A 353 -6.93 23.07 4.93
CA ILE A 353 -6.27 22.30 3.88
C ILE A 353 -7.04 22.45 2.58
N ARG A 354 -6.32 22.70 1.48
CA ARG A 354 -6.88 22.76 0.14
C ARG A 354 -6.04 21.91 -0.80
N GLY A 355 -6.70 21.34 -1.80
CA GLY A 355 -6.03 20.62 -2.86
C GLY A 355 -6.18 19.12 -2.75
N ARG A 356 -5.23 18.41 -3.37
CA ARG A 356 -5.28 16.96 -3.45
C ARG A 356 -5.17 16.34 -2.06
N LYS A 357 -5.81 15.19 -1.87
CA LYS A 357 -6.54 14.47 -2.91
C LYS A 357 -8.04 14.73 -2.88
N GLU A 358 -8.52 15.38 -1.82
CA GLU A 358 -9.94 15.63 -1.67
C GLU A 358 -10.47 16.57 -2.75
N GLU A 359 -9.63 17.47 -3.26
CA GLU A 359 -10.01 18.41 -4.31
C GLU A 359 -9.11 18.17 -5.52
N THR A 360 -9.71 17.81 -6.65
CA THR A 360 -8.99 17.42 -7.84
C THR A 360 -8.82 18.55 -8.86
N GLU A 361 -9.30 19.76 -8.55
CA GLU A 361 -9.15 20.86 -9.48
C GLU A 361 -7.70 21.28 -9.67
N VAL A 362 -6.82 20.93 -8.74
CA VAL A 362 -5.42 21.34 -8.79
C VAL A 362 -4.54 20.13 -8.54
N LEU A 363 -3.25 20.29 -8.80
CA LEU A 363 -2.27 19.22 -8.62
C LEU A 363 -1.58 19.25 -7.27
N TRP A 364 -1.69 20.35 -6.53
CA TRP A 364 -0.93 20.56 -5.30
C TRP A 364 -1.80 20.32 -4.07
N THR A 365 -1.13 20.28 -2.92
CA THR A 365 -1.77 20.20 -1.61
C THR A 365 -1.10 21.23 -0.71
N SER A 366 -1.89 22.11 -0.11
CA SER A 366 -1.36 23.15 0.75
C SER A 366 -2.42 23.55 1.75
N ASN A 367 -2.20 24.68 2.44
CA ASN A 367 -3.11 25.12 3.49
C ASN A 367 -2.94 26.60 3.73
N SER A 368 -3.95 27.19 4.36
CA SER A 368 -3.84 28.48 5.02
C SER A 368 -4.21 28.27 6.50
N ILE A 369 -4.26 29.35 7.25
CA ILE A 369 -4.55 29.26 8.68
C ILE A 369 -5.49 30.37 9.11
N VAL A 370 -6.27 30.08 10.15
CA VAL A 370 -7.03 31.07 10.89
C VAL A 370 -6.75 30.85 12.36
N VAL A 371 -6.66 31.94 13.12
CA VAL A 371 -6.22 31.90 14.50
C VAL A 371 -7.23 32.63 15.37
N PHE A 372 -7.61 32.03 16.49
CA PHE A 372 -8.50 32.63 17.46
C PHE A 372 -7.83 32.61 18.83
N CYS A 373 -8.27 33.52 19.71
CA CYS A 373 -7.71 33.62 21.05
C CYS A 373 -8.84 33.73 22.07
N GLY A 374 -8.63 33.15 23.25
CA GLY A 374 -9.65 33.20 24.28
C GLY A 374 -9.92 34.63 24.70
N THR A 375 -11.17 34.90 25.05
CA THR A 375 -11.59 36.22 25.49
C THR A 375 -12.43 36.10 26.75
N SER A 376 -12.33 37.10 27.61
CA SER A 376 -13.24 37.24 28.74
C SER A 376 -14.42 38.15 28.40
N GLY A 377 -14.45 38.71 27.20
CA GLY A 377 -15.52 39.59 26.77
C GLY A 377 -16.61 38.85 26.04
N THR A 378 -17.29 39.56 25.15
CA THR A 378 -18.39 39.01 24.37
C THR A 378 -18.02 38.98 22.89
N TYR A 379 -18.80 38.23 22.12
CA TYR A 379 -18.48 38.00 20.72
C TYR A 379 -19.75 37.60 19.99
N GLY A 380 -19.65 37.55 18.66
CA GLY A 380 -20.77 37.18 17.82
C GLY A 380 -20.56 35.88 17.08
N THR A 381 -20.91 35.85 15.80
CA THR A 381 -20.78 34.66 14.96
C THR A 381 -20.13 35.02 13.64
N GLY A 382 -19.73 33.98 12.91
CA GLY A 382 -19.14 34.15 11.61
C GLY A 382 -18.53 32.84 11.12
N SER A 383 -17.82 32.94 10.00
CA SER A 383 -17.12 31.81 9.43
C SER A 383 -15.95 32.36 8.62
N TRP A 384 -14.77 31.76 8.81
CA TRP A 384 -13.54 32.28 8.21
C TRP A 384 -12.80 31.14 7.50
N PRO A 385 -13.30 30.71 6.35
CA PRO A 385 -12.67 29.61 5.62
C PRO A 385 -11.49 30.10 4.79
N ASP A 386 -10.84 29.17 4.09
CA ASP A 386 -9.70 29.52 3.27
C ASP A 386 -10.08 30.55 2.21
N GLY A 387 -11.12 30.27 1.43
CA GLY A 387 -11.69 31.24 0.51
C GLY A 387 -11.12 31.24 -0.89
N ALA A 388 -10.15 30.39 -1.20
CA ALA A 388 -9.61 30.36 -2.56
C ALA A 388 -10.56 29.59 -3.47
N ASP A 389 -10.60 30.01 -4.73
CA ASP A 389 -11.44 29.38 -5.75
C ASP A 389 -10.52 28.52 -6.61
N LEU A 390 -10.41 27.23 -6.26
CA LEU A 390 -9.50 26.34 -6.97
C LEU A 390 -9.90 26.16 -8.43
N ASN A 391 -11.19 26.30 -8.74
CA ASN A 391 -11.64 26.18 -10.12
C ASN A 391 -10.99 27.24 -11.01
N LEU A 392 -10.73 28.43 -10.46
CA LEU A 392 -10.15 29.52 -11.23
C LEU A 392 -8.63 29.54 -11.19
N MET A 393 -8.01 28.69 -10.38
CA MET A 393 -6.57 28.68 -10.21
C MET A 393 -5.95 27.67 -11.17
N HIS A 394 -5.39 28.17 -12.27
CA HIS A 394 -4.69 27.33 -13.24
C HIS A 394 -3.77 28.17 -14.12
N GLN B 1 -11.72 -13.03 13.50
CA GLN B 1 -12.66 -13.54 12.51
C GLN B 1 -12.74 -12.61 11.30
N VAL B 2 -11.60 -12.06 10.91
CA VAL B 2 -11.53 -11.17 9.75
C VAL B 2 -11.53 -12.00 8.48
N GLN B 3 -12.38 -11.65 7.53
CA GLN B 3 -12.47 -12.40 6.29
C GLN B 3 -13.02 -11.52 5.18
N LEU B 4 -12.65 -11.84 3.95
CA LEU B 4 -13.15 -11.17 2.76
C LEU B 4 -13.74 -12.22 1.84
N VAL B 5 -15.01 -12.04 1.46
CA VAL B 5 -15.70 -12.95 0.56
C VAL B 5 -16.01 -12.20 -0.73
N GLN B 6 -15.76 -12.86 -1.86
CA GLN B 6 -15.83 -12.24 -3.16
C GLN B 6 -16.95 -12.83 -4.00
N SER B 7 -17.31 -12.11 -5.06
CA SER B 7 -18.39 -12.50 -5.96
C SER B 7 -17.96 -13.69 -6.83
N GLY B 8 -18.92 -14.19 -7.62
CA GLY B 8 -18.69 -15.38 -8.40
C GLY B 8 -17.94 -15.13 -9.69
N ALA B 9 -17.52 -16.23 -10.32
CA ALA B 9 -16.72 -16.16 -11.54
C ALA B 9 -17.52 -15.52 -12.67
N GLU B 10 -16.80 -14.90 -13.60
CA GLU B 10 -17.41 -14.18 -14.70
C GLU B 10 -16.68 -14.48 -16.01
N VAL B 11 -17.45 -14.54 -17.10
CA VAL B 11 -16.92 -14.60 -18.45
C VAL B 11 -17.43 -13.35 -19.18
N SER B 12 -16.51 -12.61 -19.80
CA SER B 12 -16.86 -11.35 -20.43
C SER B 12 -16.23 -11.27 -21.82
N LYS B 13 -16.87 -10.51 -22.70
CA LYS B 13 -16.39 -10.27 -24.05
C LYS B 13 -15.42 -9.10 -24.07
N PRO B 14 -14.41 -9.16 -24.94
CA PRO B 14 -13.50 -8.01 -25.09
C PRO B 14 -14.26 -6.75 -25.49
N GLY B 15 -13.86 -5.63 -24.90
CA GLY B 15 -14.49 -4.36 -25.12
C GLY B 15 -15.52 -3.98 -24.07
N ALA B 16 -16.10 -4.96 -23.38
CA ALA B 16 -17.11 -4.70 -22.36
C ALA B 16 -16.43 -4.43 -21.02
N SER B 17 -17.22 -4.48 -19.95
CA SER B 17 -16.71 -4.24 -18.61
C SER B 17 -17.20 -5.32 -17.66
N VAL B 18 -16.50 -5.48 -16.55
CA VAL B 18 -16.84 -6.47 -15.53
C VAL B 18 -16.72 -5.83 -14.17
N LYS B 19 -17.64 -6.18 -13.27
CA LYS B 19 -17.67 -5.61 -11.92
C LYS B 19 -17.65 -6.75 -10.91
N VAL B 20 -16.62 -6.78 -10.07
CA VAL B 20 -16.47 -7.77 -9.00
C VAL B 20 -16.66 -7.07 -7.66
N SER B 21 -17.30 -7.75 -6.72
CA SER B 21 -17.53 -7.21 -5.39
C SER B 21 -16.75 -8.02 -4.36
N CYS B 22 -16.70 -7.47 -3.14
CA CYS B 22 -15.95 -8.09 -2.04
C CYS B 22 -16.54 -7.57 -0.74
N LYS B 23 -16.97 -8.47 0.13
CA LYS B 23 -17.58 -8.12 1.40
C LYS B 23 -16.60 -8.37 2.53
N ALA B 24 -16.36 -7.35 3.34
CA ALA B 24 -15.45 -7.42 4.47
C ALA B 24 -16.23 -7.58 5.77
N SER B 25 -15.63 -8.26 6.74
CA SER B 25 -16.26 -8.47 8.03
C SER B 25 -15.20 -8.92 9.03
N GLY B 26 -15.60 -8.93 10.31
CA GLY B 26 -14.70 -9.25 11.40
C GLY B 26 -14.01 -8.05 12.01
N TYR B 27 -14.19 -6.86 11.44
CA TYR B 27 -13.57 -5.63 11.91
C TYR B 27 -14.41 -4.48 11.40
N SER B 28 -14.13 -3.28 11.91
CA SER B 28 -14.89 -2.11 11.50
C SER B 28 -14.51 -1.73 10.07
N PHE B 29 -15.51 -1.71 9.18
CA PHE B 29 -15.26 -1.60 7.75
C PHE B 29 -14.46 -0.36 7.40
N THR B 30 -14.73 0.75 8.07
CA THR B 30 -14.14 2.03 7.72
C THR B 30 -12.70 2.20 8.22
N SER B 31 -12.14 1.21 8.91
CA SER B 31 -10.86 1.39 9.58
C SER B 31 -9.65 1.01 8.73
N GLN B 32 -9.84 0.26 7.65
CA GLN B 32 -8.70 -0.19 6.85
C GLN B 32 -9.02 -0.06 5.36
N SER B 33 -7.98 0.19 4.57
CA SER B 33 -8.12 0.32 3.13
C SER B 33 -8.19 -1.06 2.48
N LEU B 34 -8.90 -1.12 1.36
CA LEU B 34 -9.10 -2.35 0.62
C LEU B 34 -8.62 -2.18 -0.82
N GLY B 35 -7.98 -3.22 -1.35
CA GLY B 35 -7.37 -3.14 -2.66
C GLY B 35 -7.60 -4.40 -3.46
N TRP B 36 -7.09 -4.38 -4.69
CA TRP B 36 -7.28 -5.48 -5.63
C TRP B 36 -5.94 -5.88 -6.24
N VAL B 37 -5.65 -7.18 -6.19
CA VAL B 37 -4.47 -7.76 -6.80
C VAL B 37 -4.94 -8.87 -7.72
N ARG B 38 -4.41 -8.91 -8.94
CA ARG B 38 -4.82 -9.92 -9.90
C ARG B 38 -3.65 -10.79 -10.30
N GLN B 39 -3.96 -11.96 -10.85
CA GLN B 39 -2.93 -12.94 -11.20
C GLN B 39 -3.39 -13.66 -12.47
N ALA B 40 -2.73 -13.37 -13.59
CA ALA B 40 -2.99 -14.12 -14.81
C ALA B 40 -2.63 -15.58 -14.59
N PRO B 41 -3.32 -16.51 -15.27
CA PRO B 41 -3.06 -17.93 -15.04
C PRO B 41 -1.60 -18.31 -15.24
N GLY B 42 -0.96 -18.78 -14.18
CA GLY B 42 0.44 -19.16 -14.23
C GLY B 42 1.43 -18.03 -14.11
N GLN B 43 0.97 -16.81 -13.86
CA GLN B 43 1.84 -15.65 -13.76
C GLN B 43 1.92 -15.19 -12.31
N GLY B 44 2.58 -14.05 -12.09
CA GLY B 44 2.75 -13.49 -10.76
C GLY B 44 1.61 -12.57 -10.37
N LEU B 45 1.80 -11.90 -9.24
CA LEU B 45 0.78 -10.99 -8.71
C LEU B 45 0.97 -9.60 -9.29
N GLU B 46 -0.16 -8.93 -9.56
CA GLU B 46 -0.14 -7.59 -10.16
C GLU B 46 -1.15 -6.72 -9.42
N TRP B 47 -0.65 -5.69 -8.75
CA TRP B 47 -1.48 -4.77 -7.98
C TRP B 47 -2.24 -3.82 -8.91
N MET B 48 -3.51 -3.59 -8.59
CA MET B 48 -4.37 -2.72 -9.38
C MET B 48 -4.66 -1.39 -8.71
N GLY B 49 -4.81 -1.37 -7.40
CA GLY B 49 -5.11 -0.14 -6.69
C GLY B 49 -5.81 -0.45 -5.39
N ILE B 50 -6.13 0.63 -4.67
CA ILE B 50 -6.79 0.54 -3.38
C ILE B 50 -7.85 1.64 -3.27
N ILE B 51 -8.78 1.45 -2.35
CA ILE B 51 -9.76 2.46 -1.98
C ILE B 51 -9.81 2.56 -0.47
N ASN B 52 -9.92 3.80 0.03
CA ASN B 52 -10.12 4.03 1.45
C ASN B 52 -11.62 4.13 1.73
N PRO B 53 -12.22 3.15 2.41
CA PRO B 53 -13.67 3.24 2.67
C PRO B 53 -14.07 4.47 3.46
N SER B 54 -13.15 5.05 4.26
CA SER B 54 -13.41 6.30 4.96
C SER B 54 -13.03 7.45 4.04
N GLY B 55 -14.00 7.93 3.26
CA GLY B 55 -13.78 9.00 2.31
C GLY B 55 -13.91 8.61 0.87
N GLY B 56 -13.69 7.33 0.55
CA GLY B 56 -13.86 6.85 -0.81
C GLY B 56 -12.78 7.24 -1.78
N ILE B 57 -11.67 7.80 -1.30
CA ILE B 57 -10.58 8.18 -2.19
C ILE B 57 -9.85 6.94 -2.68
N THR B 58 -9.48 6.95 -3.95
CA THR B 58 -8.85 5.79 -4.60
C THR B 58 -7.44 6.16 -5.06
N ASN B 59 -6.64 5.12 -5.27
CA ASN B 59 -5.29 5.27 -5.83
C ASN B 59 -5.04 4.04 -6.71
N TYR B 60 -4.95 4.25 -8.02
CA TYR B 60 -4.81 3.16 -8.97
C TYR B 60 -3.38 3.06 -9.48
N ALA B 61 -2.98 1.84 -9.82
CA ALA B 61 -1.71 1.64 -10.51
C ALA B 61 -1.77 2.32 -11.89
N HIS B 62 -0.60 2.79 -12.34
CA HIS B 62 -0.54 3.56 -13.57
C HIS B 62 -1.06 2.76 -14.77
N LYS B 63 -0.81 1.45 -14.78
CA LYS B 63 -1.20 0.62 -15.92
C LYS B 63 -2.71 0.60 -16.10
N PHE B 64 -3.47 0.82 -15.02
CA PHE B 64 -4.92 0.73 -15.06
C PHE B 64 -5.61 2.08 -14.96
N GLN B 65 -4.87 3.18 -14.94
CA GLN B 65 -5.48 4.50 -14.91
C GLN B 65 -6.34 4.72 -16.14
N GLY B 66 -7.58 5.14 -15.93
CA GLY B 66 -8.54 5.30 -17.01
C GLY B 66 -9.35 4.08 -17.35
N ARG B 67 -9.01 2.92 -16.79
CA ARG B 67 -9.71 1.68 -17.08
C ARG B 67 -10.42 1.08 -15.88
N VAL B 68 -10.05 1.46 -14.66
CA VAL B 68 -10.57 0.82 -13.45
C VAL B 68 -11.28 1.86 -12.60
N THR B 69 -12.35 1.42 -11.93
CA THR B 69 -13.07 2.22 -10.95
C THR B 69 -13.33 1.36 -9.72
N MET B 70 -12.89 1.85 -8.57
CA MET B 70 -13.13 1.19 -7.29
C MET B 70 -14.08 2.02 -6.46
N THR B 71 -15.12 1.39 -5.92
CA THR B 71 -16.13 2.05 -5.12
C THR B 71 -16.35 1.25 -3.85
N ARG B 72 -17.01 1.89 -2.88
CA ARG B 72 -17.30 1.26 -1.60
C ARG B 72 -18.69 1.65 -1.13
N ASP B 73 -19.32 0.74 -0.39
CA ASP B 73 -20.62 0.97 0.24
C ASP B 73 -20.47 0.61 1.71
N THR B 74 -20.33 1.64 2.56
CA THR B 74 -20.07 1.40 3.98
C THR B 74 -21.25 0.69 4.66
N SER B 75 -22.47 0.92 4.17
CA SER B 75 -23.64 0.31 4.79
C SER B 75 -23.62 -1.21 4.63
N THR B 76 -23.08 -1.71 3.52
CA THR B 76 -23.00 -3.14 3.25
C THR B 76 -21.59 -3.70 3.42
N SER B 77 -20.63 -2.88 3.83
CA SER B 77 -19.24 -3.33 4.03
C SER B 77 -18.68 -3.99 2.78
N THR B 78 -18.95 -3.40 1.63
CA THR B 78 -18.60 -3.99 0.34
C THR B 78 -17.81 -2.99 -0.50
N VAL B 79 -16.76 -3.49 -1.15
CA VAL B 79 -16.03 -2.72 -2.15
C VAL B 79 -16.23 -3.38 -3.50
N TYR B 80 -16.10 -2.59 -4.56
CA TYR B 80 -16.31 -3.06 -5.92
C TYR B 80 -15.12 -2.68 -6.77
N MET B 81 -14.87 -3.47 -7.81
CA MET B 81 -13.83 -3.18 -8.79
C MET B 81 -14.42 -3.38 -10.18
N GLU B 82 -14.49 -2.30 -10.96
CA GLU B 82 -14.99 -2.34 -12.32
C GLU B 82 -13.85 -2.07 -13.28
N LEU B 83 -13.56 -3.04 -14.14
CA LEU B 83 -12.55 -2.90 -15.18
C LEU B 83 -13.26 -2.85 -16.53
N SER B 84 -13.00 -1.80 -17.30
CA SER B 84 -13.65 -1.58 -18.58
C SER B 84 -12.65 -1.75 -19.72
N SER B 85 -13.18 -1.73 -20.95
CA SER B 85 -12.40 -1.96 -22.16
C SER B 85 -11.57 -3.24 -22.03
N LEU B 86 -12.26 -4.32 -21.69
CA LEU B 86 -11.59 -5.58 -21.39
C LEU B 86 -10.86 -6.12 -22.62
N ARG B 87 -9.67 -6.66 -22.39
CA ARG B 87 -8.87 -7.31 -23.41
C ARG B 87 -8.54 -8.72 -22.95
N SER B 88 -7.99 -9.52 -23.86
CA SER B 88 -7.74 -10.93 -23.57
C SER B 88 -6.77 -11.08 -22.40
N GLU B 89 -5.77 -10.20 -22.31
CA GLU B 89 -4.81 -10.30 -21.21
C GLU B 89 -5.38 -9.83 -19.88
N ASP B 90 -6.67 -9.50 -19.79
CA ASP B 90 -7.32 -9.26 -18.51
C ASP B 90 -7.88 -10.52 -17.88
N THR B 91 -7.78 -11.66 -18.57
CA THR B 91 -8.16 -12.94 -18.01
C THR B 91 -7.23 -13.26 -16.83
N ALA B 92 -7.78 -13.30 -15.62
CA ALA B 92 -6.95 -13.48 -14.44
C ALA B 92 -7.84 -13.84 -13.26
N LEU B 93 -7.18 -14.26 -12.17
CA LEU B 93 -7.83 -14.40 -10.87
C LEU B 93 -7.66 -13.08 -10.12
N TYR B 94 -8.77 -12.48 -9.70
CA TYR B 94 -8.76 -11.16 -9.09
C TYR B 94 -8.96 -11.30 -7.58
N TYR B 95 -7.95 -10.90 -6.81
CA TYR B 95 -7.96 -11.01 -5.36
C TYR B 95 -8.37 -9.70 -4.73
N CYS B 96 -9.29 -9.77 -3.78
CA CYS B 96 -9.60 -8.65 -2.90
C CYS B 96 -8.69 -8.76 -1.67
N VAL B 97 -8.04 -7.66 -1.32
CA VAL B 97 -7.05 -7.66 -0.25
C VAL B 97 -7.33 -6.53 0.73
N ARG B 98 -6.96 -6.74 1.99
CA ARG B 98 -7.00 -5.69 3.00
C ARG B 98 -5.57 -5.17 3.22
N ASP B 99 -5.38 -3.88 2.99
CA ASP B 99 -4.07 -3.25 3.09
C ASP B 99 -4.04 -2.41 4.37
N LEU B 100 -3.25 -2.86 5.35
CA LEU B 100 -3.11 -2.12 6.60
C LEU B 100 -2.23 -0.89 6.46
N SER B 101 -1.71 -0.62 5.27
CA SER B 101 -0.87 0.55 5.07
C SER B 101 -1.70 1.83 5.08
N HIS B 102 -1.04 2.94 5.36
CA HIS B 102 -1.63 4.27 5.32
C HIS B 102 -0.97 5.03 4.17
N TYR B 103 -1.73 5.31 3.13
CA TYR B 103 -1.23 6.01 1.95
C TYR B 103 -1.67 7.47 2.00
N ASN B 104 -0.74 8.38 1.73
CA ASN B 104 -1.11 9.78 1.56
C ASN B 104 -2.15 9.95 0.45
N GLU B 105 -2.08 9.11 -0.58
CA GLU B 105 -2.93 9.24 -1.75
C GLU B 105 -4.39 8.96 -1.46
N VAL B 106 -4.73 8.46 -0.28
CA VAL B 106 -6.14 8.24 0.06
C VAL B 106 -6.47 8.92 1.39
N GLY B 107 -5.78 10.01 1.71
CA GLY B 107 -6.20 10.91 2.77
C GLY B 107 -5.45 10.81 4.08
N HIS B 108 -4.43 9.96 4.18
CA HIS B 108 -3.70 9.81 5.42
C HIS B 108 -2.60 10.86 5.53
N ASP B 109 -2.46 11.44 6.71
CA ASP B 109 -1.47 12.49 6.92
C ASP B 109 -0.06 11.93 6.85
N ARG B 110 0.20 10.83 7.57
CA ARG B 110 1.51 10.22 7.67
C ARG B 110 1.48 8.89 6.92
N ALA B 111 2.26 8.80 5.83
CA ALA B 111 2.35 7.56 5.09
C ALA B 111 2.99 6.47 5.94
N TYR B 112 2.41 5.28 5.88
CA TYR B 112 2.84 4.15 6.70
C TYR B 112 2.66 2.89 5.89
N TYR B 113 3.72 2.10 5.77
CA TYR B 113 3.72 0.92 4.91
C TYR B 113 3.70 -0.34 5.77
N TYR B 114 2.64 -1.14 5.62
CA TYR B 114 2.50 -2.40 6.35
C TYR B 114 2.47 -3.57 5.39
N GLY B 115 1.39 -3.76 4.66
CA GLY B 115 1.24 -4.92 3.80
C GLY B 115 -0.20 -5.37 3.75
N MET B 116 -0.43 -6.41 2.95
CA MET B 116 -1.76 -6.95 2.73
C MET B 116 -1.89 -8.24 3.55
N ASP B 117 -2.62 -8.15 4.67
CA ASP B 117 -2.65 -9.23 5.64
C ASP B 117 -3.78 -10.23 5.42
N ILE B 118 -4.87 -9.81 4.79
CA ILE B 118 -6.01 -10.69 4.51
C ILE B 118 -6.27 -10.68 3.01
N TRP B 119 -6.44 -11.86 2.43
CA TRP B 119 -6.75 -12.02 1.02
C TRP B 119 -8.07 -12.78 0.88
N GLY B 120 -8.89 -12.34 -0.07
CA GLY B 120 -10.06 -13.10 -0.42
C GLY B 120 -9.70 -14.35 -1.20
N GLN B 121 -10.71 -15.18 -1.45
CA GLN B 121 -10.48 -16.42 -2.19
C GLN B 121 -10.26 -16.19 -3.68
N GLY B 122 -10.57 -15.00 -4.17
CA GLY B 122 -10.31 -14.67 -5.56
C GLY B 122 -11.53 -14.85 -6.43
N THR B 123 -11.58 -14.07 -7.51
CA THR B 123 -12.66 -14.14 -8.50
C THR B 123 -12.04 -14.38 -9.87
N THR B 124 -12.43 -15.47 -10.52
CA THR B 124 -11.92 -15.78 -11.85
C THR B 124 -12.66 -14.97 -12.89
N VAL B 125 -11.92 -14.26 -13.74
CA VAL B 125 -12.48 -13.49 -14.84
C VAL B 125 -11.84 -13.97 -16.13
N THR B 126 -12.67 -14.42 -17.07
CA THR B 126 -12.21 -14.88 -18.37
C THR B 126 -12.72 -13.92 -19.44
N VAL B 127 -11.84 -13.51 -20.34
CA VAL B 127 -12.17 -12.58 -21.41
C VAL B 127 -12.05 -13.31 -22.73
N SER B 128 -13.20 -13.52 -23.38
CA SER B 128 -13.26 -14.13 -24.70
C SER B 128 -14.67 -13.99 -25.23
N SER B 129 -14.78 -13.69 -26.53
CA SER B 129 -16.08 -13.61 -27.19
C SER B 129 -16.45 -14.90 -27.89
N ALA B 130 -15.66 -15.96 -27.71
CA ALA B 130 -15.87 -17.20 -28.43
C ALA B 130 -17.12 -17.93 -27.92
N SER B 131 -17.78 -18.62 -28.84
CA SER B 131 -18.87 -19.52 -28.50
C SER B 131 -18.36 -20.96 -28.56
N THR B 132 -19.24 -21.91 -28.25
CA THR B 132 -18.87 -23.32 -28.25
C THR B 132 -18.40 -23.74 -29.65
N LYS B 133 -17.17 -24.26 -29.71
CA LYS B 133 -16.56 -24.61 -30.98
C LYS B 133 -15.74 -25.88 -30.82
N GLY B 134 -15.95 -26.84 -31.72
CA GLY B 134 -15.18 -28.06 -31.74
C GLY B 134 -13.77 -27.84 -32.23
N PRO B 135 -12.83 -28.67 -31.78
CA PRO B 135 -11.43 -28.49 -32.15
C PRO B 135 -11.06 -29.16 -33.45
N SER B 136 -10.03 -28.59 -34.08
CA SER B 136 -9.34 -29.23 -35.20
C SER B 136 -8.08 -29.89 -34.69
N VAL B 137 -7.77 -31.07 -35.23
CA VAL B 137 -6.68 -31.90 -34.72
C VAL B 137 -5.64 -32.08 -35.82
N PHE B 138 -4.38 -31.85 -35.48
CA PHE B 138 -3.25 -31.90 -36.39
C PHE B 138 -2.21 -32.85 -35.84
N PRO B 139 -1.49 -33.57 -36.70
CA PRO B 139 -0.54 -34.58 -36.23
C PRO B 139 0.86 -34.03 -36.00
N LEU B 140 1.48 -34.50 -34.92
CA LEU B 140 2.87 -34.17 -34.60
C LEU B 140 3.71 -35.40 -34.93
N ALA B 141 4.05 -35.53 -36.21
CA ALA B 141 4.67 -36.75 -36.71
C ALA B 141 6.09 -36.92 -36.15
N PRO B 142 6.54 -38.16 -35.98
CA PRO B 142 7.92 -38.40 -35.55
C PRO B 142 8.84 -38.65 -36.72
N SER B 143 10.14 -38.76 -36.44
CA SER B 143 11.13 -39.03 -37.46
C SER B 143 11.07 -40.48 -37.94
N GLY B 150 16.26 -47.07 -29.02
CA GLY B 150 15.84 -45.69 -29.21
C GLY B 150 14.35 -45.49 -29.11
N THR B 151 13.94 -44.30 -28.70
CA THR B 151 12.53 -43.97 -28.54
C THR B 151 12.19 -42.72 -29.37
N ALA B 152 10.96 -42.71 -29.90
CA ALA B 152 10.46 -41.61 -30.69
C ALA B 152 9.28 -40.96 -29.99
N ALA B 153 9.14 -39.65 -30.20
CA ALA B 153 8.04 -38.87 -29.63
C ALA B 153 7.07 -38.47 -30.72
N LEU B 154 5.79 -38.76 -30.50
CA LEU B 154 4.74 -38.36 -31.43
C LEU B 154 3.56 -37.84 -30.64
N GLY B 155 2.67 -37.13 -31.33
CA GLY B 155 1.51 -36.57 -30.66
C GLY B 155 0.53 -36.00 -31.65
N CYS B 156 -0.43 -35.23 -31.11
CA CYS B 156 -1.42 -34.57 -31.94
C CYS B 156 -1.78 -33.23 -31.30
N LEU B 157 -2.00 -32.23 -32.14
CA LEU B 157 -2.26 -30.86 -31.71
C LEU B 157 -3.76 -30.59 -31.76
N VAL B 158 -4.36 -30.39 -30.60
CA VAL B 158 -5.78 -30.07 -30.50
C VAL B 158 -5.91 -28.55 -30.45
N LYS B 159 -6.43 -27.96 -31.52
CA LYS B 159 -6.30 -26.53 -31.78
C LYS B 159 -7.66 -25.86 -31.84
N ASP B 160 -7.74 -24.67 -31.24
CA ASP B 160 -8.87 -23.75 -31.36
C ASP B 160 -10.20 -24.43 -31.04
N TYR B 161 -10.41 -24.65 -29.74
CA TYR B 161 -11.68 -25.17 -29.25
C TYR B 161 -12.16 -24.29 -28.10
N PHE B 162 -13.43 -24.46 -27.78
CA PHE B 162 -14.05 -23.67 -26.72
C PHE B 162 -15.41 -24.24 -26.33
N PRO B 163 -15.73 -24.31 -25.02
CA PRO B 163 -14.73 -24.07 -23.99
C PRO B 163 -14.11 -25.34 -23.40
N GLU B 164 -12.99 -25.17 -22.69
CA GLU B 164 -12.36 -26.32 -22.00
C GLU B 164 -13.47 -27.08 -21.28
N PRO B 165 -13.49 -28.43 -21.28
CA PRO B 165 -12.31 -29.23 -21.53
C PRO B 165 -12.35 -30.20 -22.72
N VAL B 166 -11.19 -30.78 -23.06
CA VAL B 166 -11.13 -31.81 -24.14
C VAL B 166 -10.39 -33.03 -23.58
N THR B 167 -10.89 -34.23 -23.84
CA THR B 167 -10.25 -35.46 -23.38
C THR B 167 -9.55 -36.11 -24.57
N VAL B 168 -8.37 -36.67 -24.31
CA VAL B 168 -7.55 -37.29 -25.36
C VAL B 168 -7.12 -38.67 -24.90
N SER B 169 -7.38 -39.67 -25.74
CA SER B 169 -6.89 -41.02 -25.55
C SER B 169 -6.16 -41.46 -26.82
N TRP B 170 -5.42 -42.56 -26.72
CA TRP B 170 -4.62 -43.05 -27.83
C TRP B 170 -5.02 -44.50 -28.12
N ASN B 171 -5.30 -44.78 -29.40
CA ASN B 171 -5.68 -46.12 -29.86
C ASN B 171 -6.91 -46.63 -29.11
N SER B 172 -7.92 -45.77 -28.98
CA SER B 172 -9.15 -46.07 -28.25
C SER B 172 -8.86 -46.50 -26.81
N GLY B 173 -7.84 -45.92 -26.19
CA GLY B 173 -7.48 -46.24 -24.82
C GLY B 173 -6.51 -47.39 -24.64
N ALA B 174 -6.07 -48.03 -25.74
CA ALA B 174 -5.19 -49.18 -25.61
C ALA B 174 -3.77 -48.77 -25.22
N LEU B 175 -3.37 -47.56 -25.55
CA LEU B 175 -2.03 -47.06 -25.27
C LEU B 175 -2.11 -46.02 -24.17
N THR B 176 -1.51 -46.32 -23.02
CA THR B 176 -1.55 -45.43 -21.86
C THR B 176 -0.15 -45.13 -21.34
N SER B 177 0.79 -46.05 -21.57
CA SER B 177 2.14 -45.87 -21.07
C SER B 177 2.87 -44.78 -21.85
N GLY B 178 3.47 -43.84 -21.12
CA GLY B 178 4.22 -42.77 -21.74
C GLY B 178 3.38 -41.65 -22.33
N VAL B 179 2.07 -41.66 -22.11
CA VAL B 179 1.17 -40.66 -22.67
C VAL B 179 1.05 -39.51 -21.68
N HIS B 180 1.20 -38.28 -22.18
CA HIS B 180 0.99 -37.08 -21.39
C HIS B 180 0.14 -36.09 -22.20
N THR B 181 -0.99 -35.68 -21.63
CA THR B 181 -1.82 -34.64 -22.22
C THR B 181 -1.61 -33.35 -21.44
N PHE B 182 -1.13 -32.32 -22.13
CA PHE B 182 -0.73 -31.07 -21.49
C PHE B 182 -1.94 -30.21 -21.17
N PRO B 183 -1.81 -29.29 -20.20
CA PRO B 183 -2.89 -28.33 -19.97
C PRO B 183 -3.06 -27.41 -21.16
N ALA B 184 -4.27 -26.85 -21.27
CA ALA B 184 -4.61 -25.98 -22.39
C ALA B 184 -4.09 -24.57 -22.15
N VAL B 185 -3.84 -23.85 -23.24
CA VAL B 185 -3.40 -22.46 -23.20
C VAL B 185 -4.43 -21.61 -23.93
N LEU B 186 -4.77 -20.48 -23.34
CA LEU B 186 -5.75 -19.55 -23.90
C LEU B 186 -5.02 -18.58 -24.81
N GLN B 187 -5.23 -18.70 -26.12
CA GLN B 187 -4.62 -17.79 -27.06
C GLN B 187 -5.37 -16.45 -27.07
N SER B 188 -4.70 -15.43 -27.60
CA SER B 188 -5.30 -14.11 -27.70
C SER B 188 -6.56 -14.10 -28.55
N SER B 189 -6.74 -15.12 -29.39
CA SER B 189 -7.97 -15.24 -30.17
C SER B 189 -9.17 -15.60 -29.31
N GLY B 190 -8.94 -16.05 -28.08
CA GLY B 190 -10.01 -16.48 -27.20
C GLY B 190 -10.35 -17.95 -27.28
N LEU B 191 -9.52 -18.75 -27.96
CA LEU B 191 -9.76 -20.17 -28.11
C LEU B 191 -8.65 -20.97 -27.44
N TYR B 192 -9.00 -22.16 -26.97
CA TYR B 192 -8.07 -23.01 -26.25
C TYR B 192 -7.34 -23.96 -27.19
N SER B 193 -6.17 -24.42 -26.76
CA SER B 193 -5.35 -25.33 -27.53
C SER B 193 -4.46 -26.12 -26.58
N LEU B 194 -4.30 -27.42 -26.85
CA LEU B 194 -3.40 -28.26 -26.07
C LEU B 194 -2.71 -29.26 -27.00
N SER B 195 -1.81 -30.04 -26.41
CA SER B 195 -1.10 -31.10 -27.10
C SER B 195 -1.11 -32.35 -26.24
N SER B 196 -1.08 -33.50 -26.90
CA SER B 196 -1.00 -34.80 -26.24
C SER B 196 0.13 -35.58 -26.86
N VAL B 197 1.10 -35.97 -26.04
CA VAL B 197 2.30 -36.65 -26.51
C VAL B 197 2.33 -38.07 -25.96
N VAL B 198 3.05 -38.94 -26.67
CA VAL B 198 3.34 -40.29 -26.19
C VAL B 198 4.70 -40.70 -26.74
N THR B 199 5.57 -41.17 -25.86
CA THR B 199 6.88 -41.68 -26.26
C THR B 199 6.79 -43.18 -26.52
N VAL B 200 7.21 -43.59 -27.72
CA VAL B 200 7.12 -44.99 -28.14
C VAL B 200 8.50 -45.44 -28.58
N PRO B 201 8.73 -46.75 -28.66
CA PRO B 201 10.00 -47.24 -29.23
C PRO B 201 10.05 -46.98 -30.73
N SER B 202 11.24 -46.61 -31.21
CA SER B 202 11.40 -46.30 -32.63
C SER B 202 11.12 -47.51 -33.51
N SER B 203 11.40 -48.72 -33.01
CA SER B 203 11.23 -49.93 -33.80
C SER B 203 9.78 -50.17 -34.19
N SER B 204 8.83 -49.54 -33.50
CA SER B 204 7.41 -49.77 -33.75
C SER B 204 6.84 -48.88 -34.84
N LEU B 205 7.57 -47.86 -35.29
CA LEU B 205 7.00 -46.83 -36.15
C LEU B 205 6.59 -47.35 -37.52
N GLY B 206 7.19 -48.45 -37.98
CA GLY B 206 6.79 -49.02 -39.25
C GLY B 206 5.69 -50.06 -39.19
N THR B 207 5.33 -50.51 -37.99
CA THR B 207 4.36 -51.59 -37.82
C THR B 207 3.17 -51.21 -36.95
N GLN B 208 3.31 -50.28 -36.01
CA GLN B 208 2.26 -49.95 -35.07
C GLN B 208 1.61 -48.63 -35.46
N THR B 209 0.31 -48.67 -35.74
CA THR B 209 -0.43 -47.46 -36.07
C THR B 209 -0.80 -46.72 -34.80
N TYR B 210 -0.69 -45.39 -34.84
CA TYR B 210 -0.95 -44.54 -33.69
C TYR B 210 -2.03 -43.52 -34.05
N ILE B 211 -3.15 -43.58 -33.33
CA ILE B 211 -4.28 -42.68 -33.54
C ILE B 211 -4.67 -42.09 -32.19
N CYS B 212 -4.68 -40.77 -32.10
CA CYS B 212 -5.16 -40.10 -30.90
C CYS B 212 -6.63 -39.76 -31.07
N ASN B 213 -7.41 -39.97 -30.00
CA ASN B 213 -8.85 -39.80 -30.02
C ASN B 213 -9.20 -38.62 -29.13
N VAL B 214 -9.66 -37.53 -29.75
CA VAL B 214 -10.05 -36.33 -29.03
C VAL B 214 -11.56 -36.34 -28.86
N ASN B 215 -12.02 -35.74 -27.78
CA ASN B 215 -13.45 -35.66 -27.46
C ASN B 215 -13.73 -34.32 -26.81
N HIS B 216 -14.60 -33.53 -27.44
CA HIS B 216 -15.00 -32.22 -26.94
C HIS B 216 -16.48 -32.30 -26.59
N LYS B 217 -16.77 -32.54 -25.31
CA LYS B 217 -18.16 -32.68 -24.87
C LYS B 217 -19.00 -31.43 -25.10
N PRO B 218 -18.54 -30.20 -24.87
CA PRO B 218 -19.42 -29.04 -25.10
C PRO B 218 -19.92 -28.92 -26.53
N SER B 219 -19.18 -29.42 -27.52
CA SER B 219 -19.59 -29.30 -28.91
C SER B 219 -19.94 -30.65 -29.55
N ASN B 220 -19.91 -31.73 -28.78
CA ASN B 220 -20.20 -33.08 -29.29
C ASN B 220 -19.29 -33.42 -30.47
N THR B 221 -18.01 -33.09 -30.35
CA THR B 221 -17.03 -33.29 -31.43
C THR B 221 -16.09 -34.43 -31.04
N LYS B 222 -16.09 -35.48 -31.86
CA LYS B 222 -15.16 -36.59 -31.71
C LYS B 222 -14.37 -36.73 -33.00
N VAL B 223 -13.06 -36.60 -32.92
CA VAL B 223 -12.18 -36.65 -34.08
C VAL B 223 -11.08 -37.66 -33.82
N ASP B 224 -10.85 -38.54 -34.79
CA ASP B 224 -9.75 -39.50 -34.75
C ASP B 224 -8.73 -39.13 -35.82
N LYS B 225 -7.49 -38.95 -35.41
CA LYS B 225 -6.42 -38.55 -36.31
C LYS B 225 -5.28 -39.57 -36.24
N ARG B 226 -4.88 -40.08 -37.40
CA ARG B 226 -3.78 -41.03 -37.47
C ARG B 226 -2.47 -40.27 -37.63
N VAL B 227 -1.49 -40.59 -36.80
CA VAL B 227 -0.20 -39.91 -36.79
C VAL B 227 0.80 -40.82 -37.51
N GLU B 228 1.02 -40.56 -38.78
CA GLU B 228 1.98 -41.29 -39.59
C GLU B 228 3.39 -40.76 -39.36
N PRO B 229 4.41 -41.62 -39.46
CA PRO B 229 5.79 -41.11 -39.43
C PRO B 229 6.06 -40.24 -40.64
N LYS B 230 7.12 -39.43 -40.53
CA LYS B 230 7.50 -38.54 -41.62
C LYS B 230 8.25 -39.32 -42.70
N SER B 231 8.47 -38.63 -43.83
CA SER B 231 9.14 -39.28 -44.96
C SER B 231 10.62 -39.51 -44.65
N CYS B 232 11.33 -38.46 -44.27
CA CYS B 232 12.77 -38.53 -44.10
C CYS B 232 13.14 -39.14 -42.75
N HIS B 233 14.44 -39.25 -42.50
CA HIS B 233 14.95 -39.72 -41.22
C HIS B 233 15.16 -38.53 -40.29
N SER C 1 9.92 2.76 -13.87
CA SER C 1 9.15 2.13 -12.80
C SER C 1 9.98 1.09 -12.05
N TYR C 2 9.93 1.18 -10.72
CA TYR C 2 10.73 0.30 -9.86
C TYR C 2 10.43 -1.16 -10.15
N GLU C 3 11.45 -2.00 -10.00
CA GLU C 3 11.31 -3.43 -10.25
C GLU C 3 12.09 -4.24 -9.22
N LEU C 4 11.52 -5.37 -8.82
CA LEU C 4 12.14 -6.28 -7.88
C LEU C 4 12.48 -7.58 -8.59
N ILE C 5 13.70 -8.07 -8.38
CA ILE C 5 14.21 -9.22 -9.11
C ILE C 5 14.34 -10.39 -8.14
N GLN C 6 13.60 -11.46 -8.42
CA GLN C 6 13.64 -12.72 -7.69
C GLN C 6 14.14 -13.83 -8.58
N PRO C 7 14.85 -14.81 -8.04
CA PRO C 7 15.16 -16.01 -8.82
C PRO C 7 13.90 -16.83 -9.04
N PRO C 8 13.68 -17.33 -10.25
CA PRO C 8 12.43 -18.07 -10.53
C PRO C 8 12.27 -19.35 -9.72
N SER C 9 13.37 -19.98 -9.28
CA SER C 9 13.27 -21.25 -8.58
C SER C 9 14.39 -21.37 -7.55
N VAL C 10 14.06 -22.03 -6.44
CA VAL C 10 15.00 -22.33 -5.36
C VAL C 10 14.64 -23.69 -4.79
N SER C 11 15.64 -24.56 -4.62
CA SER C 11 15.43 -25.92 -4.18
C SER C 11 16.22 -26.20 -2.90
N VAL C 12 15.58 -26.94 -1.98
CA VAL C 12 16.24 -27.43 -0.77
C VAL C 12 15.71 -28.83 -0.48
N SER C 13 16.32 -29.47 0.51
CA SER C 13 15.91 -30.77 1.00
C SER C 13 15.25 -30.63 2.38
N PRO C 14 14.44 -31.60 2.78
CA PRO C 14 13.73 -31.48 4.07
C PRO C 14 14.70 -31.22 5.22
N GLY C 15 14.35 -30.25 6.06
CA GLY C 15 15.16 -29.86 7.19
C GLY C 15 16.26 -28.86 6.88
N GLN C 16 16.54 -28.60 5.61
CA GLN C 16 17.57 -27.63 5.25
C GLN C 16 17.02 -26.21 5.31
N THR C 17 17.91 -25.24 5.13
CA THR C 17 17.56 -23.83 5.22
C THR C 17 17.47 -23.25 3.82
N ALA C 18 16.30 -22.71 3.48
CA ALA C 18 16.08 -22.08 2.19
C ALA C 18 16.23 -20.57 2.32
N SER C 19 16.80 -19.95 1.30
CA SER C 19 17.05 -18.52 1.27
C SER C 19 16.61 -17.96 -0.09
N ILE C 20 15.62 -17.08 -0.08
CA ILE C 20 15.08 -16.47 -1.28
C ILE C 20 15.41 -14.99 -1.25
N THR C 21 16.11 -14.52 -2.27
CA THR C 21 16.54 -13.12 -2.33
C THR C 21 15.63 -12.31 -3.25
N CYS C 22 15.69 -10.99 -3.06
CA CYS C 22 14.89 -10.04 -3.83
C CYS C 22 15.71 -8.77 -3.95
N SER C 23 16.04 -8.37 -5.18
CA SER C 23 16.99 -7.29 -5.42
C SER C 23 16.30 -6.08 -6.04
N GLY C 24 16.71 -4.91 -5.59
CA GLY C 24 16.18 -3.66 -6.13
C GLY C 24 17.07 -2.50 -5.75
N ASP C 25 16.98 -1.43 -6.53
CA ASP C 25 17.79 -0.24 -6.31
C ASP C 25 17.50 0.38 -4.95
N LYS C 26 18.48 0.33 -4.05
CA LYS C 26 18.35 0.91 -2.70
C LYS C 26 17.18 0.29 -1.95
N LEU C 27 17.00 -1.03 -2.10
CA LEU C 27 15.88 -1.70 -1.48
C LEU C 27 15.93 -1.60 0.05
N GLY C 28 17.13 -1.47 0.61
CA GLY C 28 17.26 -1.35 2.06
C GLY C 28 16.62 -0.10 2.63
N LYS C 29 16.40 0.92 1.79
CA LYS C 29 15.71 2.12 2.24
C LYS C 29 14.22 1.91 2.42
N LYS C 30 13.65 0.93 1.72
CA LYS C 30 12.20 0.73 1.70
C LYS C 30 11.78 -0.43 2.59
N TYR C 31 10.47 -0.51 2.84
CA TYR C 31 9.88 -1.61 3.58
C TYR C 31 9.52 -2.73 2.61
N THR C 32 9.72 -3.97 3.04
CA THR C 32 9.47 -5.12 2.19
C THR C 32 8.50 -6.07 2.86
N CYS C 33 7.78 -6.83 2.03
CA CYS C 33 6.88 -7.87 2.48
C CYS C 33 7.18 -9.15 1.72
N TRP C 34 6.80 -10.28 2.31
CA TRP C 34 6.92 -11.57 1.67
C TRP C 34 5.59 -12.30 1.77
N TYR C 35 5.14 -12.86 0.66
CA TYR C 35 3.88 -13.59 0.58
C TYR C 35 4.14 -15.02 0.13
N GLN C 36 3.38 -15.95 0.70
CA GLN C 36 3.49 -17.37 0.39
C GLN C 36 2.19 -17.81 -0.27
N GLN C 37 2.28 -18.32 -1.50
CA GLN C 37 1.12 -18.79 -2.24
C GLN C 37 1.27 -20.28 -2.53
N LYS C 38 0.48 -21.10 -1.85
CA LYS C 38 0.45 -22.52 -2.10
C LYS C 38 -0.46 -22.81 -3.29
N PRO C 39 -0.28 -23.95 -3.96
CA PRO C 39 -1.08 -24.24 -5.16
C PRO C 39 -2.56 -24.35 -4.84
N GLY C 40 -3.35 -23.44 -5.42
CA GLY C 40 -4.79 -23.49 -5.32
C GLY C 40 -5.41 -22.53 -4.32
N GLN C 41 -4.62 -21.89 -3.47
CA GLN C 41 -5.15 -20.97 -2.47
C GLN C 41 -4.57 -19.58 -2.67
N SER C 42 -5.08 -18.65 -1.88
CA SER C 42 -4.68 -17.26 -1.95
C SER C 42 -3.32 -17.05 -1.29
N PRO C 43 -2.61 -15.98 -1.65
CA PRO C 43 -1.35 -15.66 -0.97
C PRO C 43 -1.57 -15.37 0.51
N VAL C 44 -0.50 -15.58 1.28
CA VAL C 44 -0.53 -15.39 2.73
C VAL C 44 0.68 -14.54 3.11
N LEU C 45 0.44 -13.51 3.92
CA LEU C 45 1.53 -12.67 4.41
C LEU C 45 2.33 -13.44 5.46
N VAL C 46 3.62 -13.66 5.18
CA VAL C 46 4.50 -14.32 6.13
C VAL C 46 5.49 -13.36 6.77
N ILE C 47 5.85 -12.28 6.10
CA ILE C 47 6.80 -11.29 6.63
C ILE C 47 6.35 -9.91 6.19
N TYR C 48 6.28 -8.97 7.12
CA TYR C 48 6.03 -7.58 6.82
C TYR C 48 7.07 -6.71 7.53
N GLN C 49 7.26 -5.51 7.00
CA GLN C 49 8.23 -4.55 7.54
C GLN C 49 9.60 -5.18 7.70
N ASP C 50 10.08 -5.80 6.61
CA ASP C 50 11.41 -6.38 6.48
C ASP C 50 11.59 -7.66 7.29
N ASN C 51 11.14 -7.68 8.55
CA ASN C 51 11.46 -8.83 9.40
C ASN C 51 10.42 -9.15 10.47
N LYS C 52 9.18 -8.69 10.34
CA LYS C 52 8.15 -8.97 11.33
C LYS C 52 7.24 -10.08 10.86
N ARG C 53 6.86 -10.96 11.78
CA ARG C 53 6.00 -12.09 11.49
C ARG C 53 4.60 -11.82 12.03
N PRO C 54 3.57 -11.96 11.20
CA PRO C 54 2.20 -11.92 11.73
C PRO C 54 1.97 -13.07 12.70
N SER C 55 1.07 -12.85 13.66
CA SER C 55 0.78 -13.88 14.64
C SER C 55 0.23 -15.12 13.95
N GLY C 56 0.75 -16.29 14.34
CA GLY C 56 0.39 -17.54 13.71
C GLY C 56 1.37 -18.02 12.66
N ILE C 57 2.31 -17.18 12.26
CA ILE C 57 3.32 -17.57 11.28
C ILE C 57 4.47 -18.25 12.01
N PRO C 58 4.89 -19.45 11.57
CA PRO C 58 5.97 -20.15 12.26
C PRO C 58 7.24 -19.32 12.32
N GLU C 59 7.98 -19.48 13.43
CA GLU C 59 9.22 -18.73 13.62
C GLU C 59 10.36 -19.21 12.73
N ARG C 60 10.17 -20.32 11.99
CA ARG C 60 11.17 -20.72 11.01
C ARG C 60 11.34 -19.67 9.92
N PHE C 61 10.28 -18.94 9.60
CA PHE C 61 10.33 -17.91 8.57
C PHE C 61 10.93 -16.64 9.14
N SER C 62 11.98 -16.13 8.50
CA SER C 62 12.64 -14.91 8.92
C SER C 62 12.98 -14.07 7.70
N GLY C 63 13.09 -12.77 7.92
CA GLY C 63 13.34 -11.84 6.82
C GLY C 63 14.42 -10.84 7.20
N SER C 64 15.07 -10.31 6.17
CA SER C 64 16.13 -9.33 6.34
C SER C 64 16.21 -8.47 5.09
N ASN C 65 16.46 -7.18 5.30
CA ASN C 65 16.54 -6.21 4.20
C ASN C 65 17.72 -5.29 4.46
N SER C 66 18.73 -5.36 3.61
CA SER C 66 19.93 -4.56 3.77
C SER C 66 20.53 -4.25 2.41
N GLY C 67 21.01 -3.02 2.25
CA GLY C 67 21.61 -2.60 1.00
C GLY C 67 20.62 -2.57 -0.16
N ASN C 68 20.80 -3.49 -1.11
CA ASN C 68 19.95 -3.57 -2.29
C ASN C 68 19.22 -4.90 -2.40
N THR C 69 19.32 -5.76 -1.39
CA THR C 69 18.70 -7.08 -1.44
C THR C 69 17.88 -7.32 -0.19
N ALA C 70 16.70 -7.91 -0.37
CA ALA C 70 15.89 -8.46 0.71
C ALA C 70 15.93 -9.97 0.64
N THR C 71 15.89 -10.62 1.80
CA THR C 71 16.05 -12.07 1.88
C THR C 71 15.00 -12.66 2.81
N LEU C 72 14.31 -13.68 2.33
CA LEU C 72 13.44 -14.51 3.15
C LEU C 72 14.17 -15.82 3.45
N THR C 73 14.19 -16.20 4.72
CA THR C 73 14.91 -17.38 5.17
C THR C 73 13.95 -18.33 5.89
N ILE C 74 13.94 -19.59 5.46
CA ILE C 74 13.14 -20.63 6.08
C ILE C 74 14.10 -21.70 6.58
N SER C 75 14.26 -21.77 7.90
CA SER C 75 15.07 -22.82 8.50
C SER C 75 14.27 -24.10 8.67
N GLY C 76 14.96 -25.23 8.59
CA GLY C 76 14.34 -26.54 8.72
C GLY C 76 13.10 -26.71 7.87
N THR C 77 13.26 -26.62 6.55
CA THR C 77 12.12 -26.59 5.65
C THR C 77 11.36 -27.90 5.67
N GLN C 78 10.03 -27.80 5.72
CA GLN C 78 9.15 -28.95 5.64
C GLN C 78 8.54 -29.05 4.24
N ALA C 79 7.93 -30.19 3.97
CA ALA C 79 7.29 -30.39 2.66
C ALA C 79 6.14 -29.42 2.46
N MET C 80 5.42 -29.06 3.52
CA MET C 80 4.29 -28.13 3.41
C MET C 80 4.73 -26.73 3.04
N ASP C 81 6.01 -26.40 3.13
CA ASP C 81 6.52 -25.08 2.77
C ASP C 81 6.67 -24.90 1.26
N GLU C 82 6.44 -25.94 0.47
CA GLU C 82 6.49 -25.81 -0.99
C GLU C 82 5.42 -24.84 -1.47
N ALA C 83 5.84 -23.76 -2.11
CA ALA C 83 4.92 -22.73 -2.58
C ALA C 83 5.70 -21.73 -3.42
N ASP C 84 4.96 -20.78 -3.99
CA ASP C 84 5.55 -19.61 -4.63
C ASP C 84 5.66 -18.49 -3.61
N TYR C 85 6.79 -17.80 -3.62
CA TYR C 85 7.07 -16.73 -2.67
C TYR C 85 7.30 -15.44 -3.43
N TYR C 86 6.60 -14.38 -3.03
CA TYR C 86 6.67 -13.08 -3.68
C TYR C 86 7.18 -12.05 -2.68
N CYS C 87 8.24 -11.33 -3.05
CA CYS C 87 8.59 -10.12 -2.32
C CYS C 87 7.75 -8.96 -2.82
N GLN C 88 7.60 -7.95 -1.98
CA GLN C 88 6.73 -6.83 -2.30
C GLN C 88 7.25 -5.57 -1.62
N ALA C 89 7.25 -4.46 -2.34
CA ALA C 89 7.66 -3.17 -1.81
C ALA C 89 6.75 -2.10 -2.40
N TRP C 90 7.13 -0.83 -2.21
CA TRP C 90 6.36 0.30 -2.68
C TRP C 90 7.26 1.25 -3.47
N ASP C 91 6.71 1.83 -4.53
CA ASP C 91 7.39 2.87 -5.31
C ASP C 91 6.42 4.04 -5.46
N SER C 92 6.60 5.06 -4.63
CA SER C 92 5.71 6.22 -4.59
C SER C 92 4.26 5.77 -4.38
N SER C 93 4.06 5.03 -3.29
CA SER C 93 2.77 4.54 -2.83
C SER C 93 2.18 3.45 -3.72
N ALA C 94 2.81 3.17 -4.86
CA ALA C 94 2.36 2.10 -5.75
C ALA C 94 2.97 0.77 -5.32
N VAL C 95 2.13 -0.25 -5.15
CA VAL C 95 2.61 -1.56 -4.72
C VAL C 95 3.30 -2.25 -5.89
N VAL C 96 4.47 -2.82 -5.62
CA VAL C 96 5.27 -3.53 -6.63
C VAL C 96 5.57 -4.93 -6.09
N PHE C 97 5.42 -5.92 -6.96
CA PHE C 97 5.71 -7.31 -6.63
C PHE C 97 6.95 -7.79 -7.37
N GLY C 98 7.68 -8.68 -6.74
CA GLY C 98 8.69 -9.43 -7.47
C GLY C 98 8.04 -10.46 -8.38
N GLY C 99 8.85 -11.01 -9.28
CA GLY C 99 8.35 -12.01 -10.22
C GLY C 99 7.89 -13.30 -9.59
N GLY C 100 8.30 -13.57 -8.36
CA GLY C 100 7.94 -14.80 -7.69
C GLY C 100 9.03 -15.85 -7.77
N THR C 101 9.11 -16.67 -6.74
CA THR C 101 10.10 -17.74 -6.65
C THR C 101 9.40 -19.02 -6.28
N LYS C 102 9.56 -20.05 -7.12
CA LYS C 102 9.03 -21.37 -6.81
C LYS C 102 10.00 -22.07 -5.87
N LEU C 103 9.52 -22.47 -4.68
CA LEU C 103 10.31 -23.20 -3.73
C LEU C 103 9.97 -24.68 -3.81
N THR C 104 10.98 -25.52 -4.03
CA THR C 104 10.81 -26.95 -4.15
C THR C 104 11.58 -27.64 -3.03
N VAL C 105 10.89 -28.47 -2.25
CA VAL C 105 11.53 -29.34 -1.28
C VAL C 105 11.79 -30.67 -1.98
N LEU C 106 13.06 -30.94 -2.28
CA LEU C 106 13.43 -32.04 -3.16
C LEU C 106 13.00 -33.38 -2.57
N GLY C 107 12.15 -34.10 -3.32
CA GLY C 107 11.72 -35.41 -2.91
C GLY C 107 12.30 -36.49 -3.81
N GLN C 108 13.13 -36.07 -4.75
CA GLN C 108 13.83 -36.98 -5.66
C GLN C 108 15.00 -36.22 -6.26
N PRO C 109 16.00 -36.93 -6.79
CA PRO C 109 17.13 -36.24 -7.42
C PRO C 109 16.69 -35.43 -8.63
N LYS C 110 17.51 -34.43 -8.96
CA LYS C 110 17.20 -33.56 -10.09
C LYS C 110 17.30 -34.32 -11.40
N ALA C 111 16.59 -33.84 -12.41
CA ALA C 111 16.54 -34.46 -13.72
C ALA C 111 16.53 -33.41 -14.81
N ALA C 112 17.40 -33.57 -15.79
CA ALA C 112 17.45 -32.65 -16.91
C ALA C 112 16.26 -32.88 -17.84
N PRO C 113 15.76 -31.83 -18.49
CA PRO C 113 14.59 -31.98 -19.35
C PRO C 113 14.93 -32.62 -20.69
N SER C 114 13.95 -33.34 -21.23
CA SER C 114 14.01 -33.86 -22.59
C SER C 114 13.18 -32.95 -23.49
N VAL C 115 13.81 -32.46 -24.56
CA VAL C 115 13.23 -31.43 -25.41
C VAL C 115 12.99 -32.01 -26.80
N THR C 116 11.75 -31.93 -27.28
CA THR C 116 11.40 -32.33 -28.63
C THR C 116 10.70 -31.16 -29.32
N LEU C 117 11.20 -30.77 -30.48
CA LEU C 117 10.69 -29.62 -31.21
C LEU C 117 10.03 -30.10 -32.50
N PHE C 118 8.71 -29.88 -32.62
CA PHE C 118 7.95 -30.33 -33.78
C PHE C 118 7.78 -29.18 -34.76
N PRO C 119 8.12 -29.38 -36.03
CA PRO C 119 7.83 -28.36 -37.05
C PRO C 119 6.35 -28.34 -37.36
N PRO C 120 5.86 -27.36 -38.13
CA PRO C 120 4.44 -27.36 -38.50
C PRO C 120 4.13 -28.54 -39.42
N SER C 121 3.06 -29.25 -39.09
CA SER C 121 2.62 -30.36 -39.93
C SER C 121 2.23 -29.85 -41.31
N SER C 122 2.46 -30.69 -42.32
CA SER C 122 2.07 -30.32 -43.68
C SER C 122 0.56 -30.10 -43.79
N GLU C 123 -0.22 -30.75 -42.92
CA GLU C 123 -1.65 -30.51 -42.88
C GLU C 123 -1.98 -29.11 -42.36
N GLU C 124 -1.15 -28.58 -41.45
CA GLU C 124 -1.34 -27.21 -40.99
C GLU C 124 -0.83 -26.20 -42.01
N LEU C 125 0.33 -26.49 -42.62
CA LEU C 125 0.86 -25.58 -43.63
C LEU C 125 -0.05 -25.50 -44.85
N GLN C 126 -0.66 -26.63 -45.24
CA GLN C 126 -1.62 -26.61 -46.33
C GLN C 126 -2.88 -25.84 -45.96
N ALA C 127 -3.17 -25.71 -44.66
CA ALA C 127 -4.28 -24.89 -44.18
C ALA C 127 -3.85 -23.44 -43.92
N ASN C 128 -2.73 -23.01 -44.49
CA ASN C 128 -2.26 -21.63 -44.39
C ASN C 128 -2.05 -21.21 -42.94
N LYS C 129 -1.56 -22.14 -42.12
CA LYS C 129 -1.21 -21.86 -40.74
C LYS C 129 0.09 -22.57 -40.41
N ALA C 130 0.71 -22.16 -39.31
CA ALA C 130 1.98 -22.75 -38.90
C ALA C 130 2.17 -22.58 -37.41
N THR C 131 2.41 -23.69 -36.71
CA THR C 131 2.60 -23.68 -35.26
C THR C 131 3.78 -24.57 -34.92
N LEU C 132 4.77 -23.99 -34.23
CA LEU C 132 5.88 -24.76 -33.69
C LEU C 132 5.52 -25.25 -32.30
N VAL C 133 5.81 -26.53 -32.03
CA VAL C 133 5.46 -27.16 -30.76
C VAL C 133 6.75 -27.66 -30.12
N CYS C 134 7.09 -27.06 -28.98
CA CYS C 134 8.25 -27.46 -28.19
C CYS C 134 7.74 -28.19 -26.95
N LEU C 135 8.03 -29.49 -26.88
CA LEU C 135 7.56 -30.34 -25.79
C LEU C 135 8.73 -30.67 -24.87
N ILE C 136 8.53 -30.44 -23.57
CA ILE C 136 9.57 -30.62 -22.55
C ILE C 136 9.04 -31.60 -21.52
N SER C 137 9.82 -32.63 -21.22
CA SER C 137 9.33 -33.72 -20.39
C SER C 137 10.42 -34.23 -19.45
N ASP C 138 9.97 -34.86 -18.37
CA ASP C 138 10.82 -35.67 -17.49
C ASP C 138 11.89 -34.83 -16.79
N PHE C 139 11.51 -33.67 -16.28
CA PHE C 139 12.42 -32.82 -15.54
C PHE C 139 11.91 -32.58 -14.13
N TYR C 140 12.84 -32.24 -13.24
CA TYR C 140 12.57 -31.97 -11.84
C TYR C 140 13.74 -31.19 -11.25
N PRO C 141 13.49 -30.10 -10.52
CA PRO C 141 12.20 -29.53 -10.12
C PRO C 141 11.38 -28.96 -11.29
N GLY C 142 10.10 -28.70 -11.04
CA GLY C 142 9.22 -28.23 -12.09
C GLY C 142 9.33 -26.75 -12.36
N ALA C 143 10.46 -26.32 -12.90
CA ALA C 143 10.69 -24.91 -13.22
C ALA C 143 11.61 -24.81 -14.42
N VAL C 144 11.11 -24.26 -15.52
CA VAL C 144 11.89 -24.03 -16.72
C VAL C 144 11.50 -22.70 -17.31
N THR C 145 12.42 -22.11 -18.09
CA THR C 145 12.15 -20.92 -18.88
C THR C 145 12.44 -21.25 -20.33
N VAL C 146 11.51 -20.89 -21.22
CA VAL C 146 11.60 -21.22 -22.64
C VAL C 146 11.86 -19.94 -23.42
N ALA C 147 12.81 -20.00 -24.34
CA ALA C 147 13.15 -18.86 -25.19
C ALA C 147 13.21 -19.33 -26.64
N TRP C 148 12.49 -18.63 -27.52
CA TRP C 148 12.45 -18.94 -28.93
C TRP C 148 13.41 -18.04 -29.70
N LYS C 149 14.00 -18.58 -30.75
CA LYS C 149 14.99 -17.87 -31.55
C LYS C 149 14.66 -18.01 -33.03
N ALA C 150 14.53 -16.88 -33.71
CA ALA C 150 14.47 -16.84 -35.17
C ALA C 150 15.92 -16.78 -35.67
N ASP C 151 16.40 -17.89 -36.24
CA ASP C 151 17.82 -18.06 -36.54
C ASP C 151 18.64 -17.88 -35.27
N SER C 152 19.08 -16.65 -35.01
CA SER C 152 19.78 -16.32 -33.78
C SER C 152 19.18 -15.14 -33.03
N SER C 153 18.10 -14.55 -33.55
CA SER C 153 17.41 -13.43 -32.94
C SER C 153 16.21 -13.91 -32.12
N PRO C 154 16.00 -13.36 -30.94
CA PRO C 154 14.89 -13.83 -30.10
C PRO C 154 13.53 -13.43 -30.65
N VAL C 155 12.59 -14.37 -30.59
CA VAL C 155 11.20 -14.12 -30.92
C VAL C 155 10.44 -13.88 -29.63
N LYS C 156 9.53 -12.92 -29.65
CA LYS C 156 8.71 -12.60 -28.49
C LYS C 156 7.22 -12.73 -28.75
N ALA C 157 6.75 -12.31 -29.92
CA ALA C 157 5.34 -12.41 -30.25
C ALA C 157 4.97 -13.81 -30.70
N GLY C 158 3.74 -14.21 -30.41
CA GLY C 158 3.24 -15.51 -30.79
C GLY C 158 3.69 -16.66 -29.92
N VAL C 159 4.32 -16.38 -28.78
CA VAL C 159 4.82 -17.41 -27.88
C VAL C 159 3.83 -17.60 -26.74
N GLU C 160 3.43 -18.85 -26.51
CA GLU C 160 2.56 -19.20 -25.40
C GLU C 160 3.09 -20.47 -24.74
N THR C 161 3.28 -20.41 -23.42
CA THR C 161 3.88 -21.49 -22.67
C THR C 161 2.98 -21.86 -21.50
N THR C 162 2.86 -23.17 -21.25
CA THR C 162 2.06 -23.66 -20.15
C THR C 162 2.89 -23.82 -18.88
N THR C 163 2.22 -23.81 -17.74
CA THR C 163 2.90 -24.02 -16.48
C THR C 163 3.27 -25.50 -16.33
N PRO C 164 4.47 -25.80 -15.86
CA PRO C 164 4.87 -27.21 -15.70
C PRO C 164 3.90 -27.99 -14.84
N SER C 165 3.43 -29.13 -15.36
CA SER C 165 2.50 -30.01 -14.69
C SER C 165 3.17 -31.35 -14.42
N LYS C 166 2.66 -32.06 -13.42
CA LYS C 166 3.26 -33.33 -13.01
C LYS C 166 2.84 -34.46 -13.94
N GLN C 167 3.80 -35.35 -14.23
CA GLN C 167 3.54 -36.55 -15.00
C GLN C 167 3.13 -37.68 -14.06
N SER C 168 2.94 -38.87 -14.65
CA SER C 168 2.58 -40.03 -13.84
C SER C 168 3.77 -40.55 -13.06
N ASN C 169 4.99 -40.28 -13.54
CA ASN C 169 6.20 -40.74 -12.88
C ASN C 169 6.74 -39.74 -11.86
N ASN C 170 5.89 -38.85 -11.36
CA ASN C 170 6.20 -37.81 -10.37
C ASN C 170 7.16 -36.75 -10.91
N LYS C 171 7.52 -36.79 -12.19
CA LYS C 171 8.33 -35.76 -12.81
C LYS C 171 7.44 -34.79 -13.59
N TYR C 172 8.05 -33.70 -14.04
CA TYR C 172 7.30 -32.58 -14.60
C TYR C 172 7.45 -32.50 -16.11
N ALA C 173 6.49 -31.82 -16.73
CA ALA C 173 6.48 -31.60 -18.17
C ALA C 173 5.83 -30.26 -18.46
N ALA C 174 6.22 -29.64 -19.57
CA ALA C 174 5.68 -28.35 -19.98
C ALA C 174 5.72 -28.25 -21.49
N SER C 175 4.93 -27.33 -22.03
CA SER C 175 4.83 -27.12 -23.47
C SER C 175 4.89 -25.64 -23.80
N SER C 176 5.38 -25.33 -25.00
CA SER C 176 5.47 -23.96 -25.48
C SER C 176 5.20 -23.94 -26.97
N TYR C 177 4.37 -23.00 -27.42
CA TYR C 177 3.93 -22.91 -28.81
C TYR C 177 4.37 -21.58 -29.40
N LEU C 178 4.84 -21.62 -30.64
CA LEU C 178 5.20 -20.42 -31.39
C LEU C 178 4.35 -20.41 -32.66
N SER C 179 3.32 -19.57 -32.67
CA SER C 179 2.46 -19.42 -33.84
C SER C 179 3.01 -18.33 -34.75
N LEU C 180 3.10 -18.65 -36.04
CA LEU C 180 3.56 -17.68 -37.03
C LEU C 180 2.91 -18.01 -38.36
N THR C 181 3.05 -17.07 -39.31
CA THR C 181 2.54 -17.29 -40.64
C THR C 181 3.36 -18.35 -41.36
N PRO C 182 2.77 -19.04 -42.33
CA PRO C 182 3.56 -19.98 -43.14
C PRO C 182 4.75 -19.32 -43.81
N GLU C 183 4.61 -18.05 -44.21
CA GLU C 183 5.71 -17.35 -44.88
C GLU C 183 6.84 -17.05 -43.91
N GLN C 184 6.52 -16.72 -42.65
CA GLN C 184 7.56 -16.56 -41.65
C GLN C 184 8.32 -17.85 -41.42
N TRP C 185 7.66 -18.99 -41.63
CA TRP C 185 8.30 -20.29 -41.45
C TRP C 185 9.34 -20.53 -42.54
N LYS C 186 8.99 -20.28 -43.80
CA LYS C 186 9.90 -20.55 -44.90
C LYS C 186 11.02 -19.53 -45.01
N SER C 187 10.82 -18.31 -44.51
CA SER C 187 11.76 -17.22 -44.72
C SER C 187 13.02 -17.32 -43.87
N HIS C 188 13.05 -18.19 -42.87
CA HIS C 188 14.20 -18.33 -41.99
C HIS C 188 14.87 -19.66 -42.20
N ARG C 189 16.20 -19.70 -41.98
CA ARG C 189 16.94 -20.94 -42.14
C ARG C 189 16.58 -21.95 -41.07
N SER C 190 16.41 -21.50 -39.82
CA SER C 190 16.12 -22.41 -38.73
C SER C 190 15.44 -21.64 -37.60
N TYR C 191 14.68 -22.39 -36.80
CA TYR C 191 14.10 -21.90 -35.56
C TYR C 191 14.58 -22.77 -34.42
N SER C 192 14.73 -22.16 -33.24
CA SER C 192 15.29 -22.85 -32.09
C SER C 192 14.40 -22.66 -30.87
N CYS C 193 14.38 -23.70 -30.02
CA CYS C 193 13.68 -23.68 -28.74
C CYS C 193 14.72 -23.95 -27.66
N GLN C 194 14.97 -22.95 -26.81
CA GLN C 194 15.94 -23.06 -25.73
C GLN C 194 15.20 -23.24 -24.41
N VAL C 195 15.44 -24.37 -23.75
CA VAL C 195 14.86 -24.66 -22.44
C VAL C 195 15.99 -24.64 -21.42
N THR C 196 15.98 -23.64 -20.55
CA THR C 196 16.96 -23.53 -19.48
C THR C 196 16.36 -24.09 -18.19
N HIS C 197 17.06 -25.06 -17.61
CA HIS C 197 16.59 -25.75 -16.41
C HIS C 197 17.74 -25.81 -15.40
N GLU C 198 17.57 -25.13 -14.27
CA GLU C 198 18.57 -25.10 -13.20
C GLU C 198 19.92 -24.59 -13.70
N GLY C 199 19.88 -23.52 -14.50
CA GLY C 199 21.08 -22.83 -14.93
C GLY C 199 21.72 -23.33 -16.21
N SER C 200 21.31 -24.49 -16.71
CA SER C 200 21.87 -25.05 -17.94
C SER C 200 20.78 -25.12 -19.00
N THR C 201 21.19 -24.89 -20.26
CA THR C 201 20.25 -24.75 -21.37
C THR C 201 20.33 -25.97 -22.29
N VAL C 202 19.17 -26.45 -22.70
CA VAL C 202 19.04 -27.51 -23.70
C VAL C 202 18.23 -26.94 -24.86
N GLU C 203 18.80 -26.99 -26.06
CA GLU C 203 18.16 -26.38 -27.23
C GLU C 203 18.05 -27.39 -28.37
N LYS C 204 16.93 -27.32 -29.08
CA LYS C 204 16.67 -28.08 -30.29
C LYS C 204 16.43 -27.13 -31.45
N THR C 205 16.61 -27.63 -32.67
CA THR C 205 16.53 -26.79 -33.85
C THR C 205 15.83 -27.53 -34.98
N VAL C 206 14.97 -26.81 -35.71
CA VAL C 206 14.28 -27.34 -36.87
C VAL C 206 14.47 -26.36 -38.03
N ALA C 207 14.24 -26.86 -39.24
CA ALA C 207 14.42 -26.09 -40.46
C ALA C 207 13.28 -26.39 -41.43
N PRO C 208 12.95 -25.45 -42.32
CA PRO C 208 11.86 -25.69 -43.27
C PRO C 208 12.17 -26.73 -44.33
N THR C 209 13.43 -27.13 -44.47
CA THR C 209 13.80 -28.11 -45.49
C THR C 209 13.22 -29.49 -45.17
C1 NAG D . -19.51 15.14 5.65
C2 NAG D . -20.97 15.21 5.26
C3 NAG D . -21.28 14.11 4.23
C4 NAG D . -20.31 14.19 3.05
C5 NAG D . -18.86 14.25 3.53
C6 NAG D . -17.89 14.53 2.41
C7 NAG D . -22.76 15.96 6.76
C8 NAG D . -23.56 15.65 7.99
N2 NAG D . -21.84 15.06 6.42
O3 NAG D . -22.62 14.27 3.76
O4 NAG D . -20.43 13.00 2.28
O5 NAG D . -18.70 15.29 4.49
O6 NAG D . -16.54 14.33 2.84
O7 NAG D . -22.94 16.99 6.11
C1 NAG D . -20.99 13.27 0.98
C2 NAG D . -20.54 12.14 0.04
C3 NAG D . -21.25 12.24 -1.31
C4 NAG D . -22.76 12.37 -1.13
C5 NAG D . -23.05 13.53 -0.18
C6 NAG D . -24.52 13.71 0.16
C7 NAG D . -18.27 11.24 0.34
C8 NAG D . -16.81 11.44 0.04
N2 NAG D . -19.09 12.17 -0.15
O3 NAG D . -20.96 11.08 -2.08
O4 NAG D . -23.36 12.58 -2.40
O5 NAG D . -22.39 13.28 1.07
O6 NAG D . -25.05 12.55 0.80
O7 NAG D . -18.67 10.27 0.96
C1 BMA D . -24.59 11.82 -2.55
C2 BMA D . -25.27 12.26 -3.87
C3 BMA D . -26.63 11.57 -3.98
C4 BMA D . -26.51 10.04 -3.74
C5 BMA D . -25.66 9.71 -2.48
C6 BMA D . -25.39 8.22 -2.32
O2 BMA D . -24.51 11.85 -5.00
O3 BMA D . -27.26 11.82 -5.23
O4 BMA D . -27.81 9.48 -3.57
O5 BMA D . -24.40 10.40 -2.57
O6 BMA D . -26.64 7.54 -2.31
C1 NAG E . 21.12 4.15 11.09
C2 NAG E . 21.82 3.03 10.31
C3 NAG E . 23.14 2.66 10.98
C4 NAG E . 24.01 3.90 11.17
C5 NAG E . 23.24 4.96 11.94
C6 NAG E . 23.99 6.26 12.08
C7 NAG E . 20.17 1.65 9.14
C8 NAG E . 19.35 0.39 9.18
N2 NAG E . 20.96 1.86 10.19
O3 NAG E . 23.82 1.71 10.18
O4 NAG E . 25.19 3.56 11.91
O5 NAG E . 22.02 5.26 11.24
O6 NAG E . 24.31 6.81 10.80
O7 NAG E . 20.11 2.43 8.19
C1 NAG E . 26.36 3.86 11.13
C2 NAG E . 27.56 3.89 12.08
C3 NAG E . 28.87 4.07 11.31
C4 NAG E . 28.96 3.09 10.15
C5 NAG E . 27.70 3.15 9.30
C6 NAG E . 27.68 2.15 8.17
C7 NAG E . 27.11 4.75 14.34
C8 NAG E . 26.99 5.99 15.19
N2 NAG E . 27.40 4.97 13.05
O3 NAG E . 29.97 3.90 12.20
O4 NAG E . 30.10 3.45 9.37
O5 NAG E . 26.57 2.88 10.13
O6 NAG E . 27.74 0.81 8.65
O7 NAG E . 26.95 3.63 14.80
C1 BMA E . 30.93 2.31 9.06
C2 BMA E . 31.68 2.67 7.78
C3 BMA E . 32.52 1.48 7.35
C4 BMA E . 33.42 1.00 8.50
C5 BMA E . 32.62 0.81 9.81
C6 BMA E . 33.52 0.55 10.98
O2 BMA E . 32.58 3.74 8.03
O3 BMA E . 33.31 1.82 6.23
O4 BMA E . 34.04 -0.24 8.15
O5 BMA E . 31.85 2.00 10.09
O6 BMA E . 32.73 0.05 12.05
C1 MAN E . 33.30 0.74 5.27
C2 MAN E . 34.40 1.09 4.22
C3 MAN E . 33.90 2.23 3.30
C4 MAN E . 32.49 1.97 2.77
C5 MAN E . 31.53 1.69 3.94
C6 MAN E . 30.12 1.34 3.48
O2 MAN E . 34.72 -0.01 3.36
O3 MAN E . 34.79 2.45 2.21
O4 MAN E . 32.03 3.13 2.07
O5 MAN E . 32.03 0.57 4.68
O6 MAN E . 29.23 1.49 4.58
C1 MAN E . 34.79 -1.25 4.07
C2 MAN E . 36.24 -1.50 4.54
C3 MAN E . 37.17 -1.67 3.32
C4 MAN E . 36.58 -2.64 2.27
C5 MAN E . 35.12 -2.30 1.97
C6 MAN E . 34.44 -3.29 1.05
O2 MAN E . 36.35 -2.72 5.29
O3 MAN E . 38.47 -2.11 3.72
O4 MAN E . 37.34 -2.55 1.06
O5 MAN E . 34.37 -2.27 3.21
O6 MAN E . 33.20 -3.65 1.65
C1 MAN E . 32.72 -1.39 12.01
C2 MAN E . 31.70 -1.86 13.07
C3 MAN E . 32.23 -1.52 14.48
C4 MAN E . 33.65 -2.08 14.68
C5 MAN E . 34.58 -1.55 13.56
C6 MAN E . 35.97 -2.12 13.61
O2 MAN E . 31.53 -3.28 13.04
O3 MAN E . 31.34 -2.01 15.50
O4 MAN E . 34.15 -1.65 15.93
O5 MAN E . 34.01 -1.91 12.27
O6 MAN E . 35.87 -3.54 13.48
C1 MAN E . 30.80 -0.90 16.25
C2 MAN E . 30.16 -1.46 17.52
C3 MAN E . 28.98 -2.38 17.16
C4 MAN E . 28.03 -1.79 16.07
C5 MAN E . 28.75 -0.99 14.97
C6 MAN E . 27.82 -0.06 14.22
O2 MAN E . 29.62 -0.43 18.34
O3 MAN E . 28.21 -2.71 18.32
O4 MAN E . 27.31 -2.86 15.47
O5 MAN E . 29.84 -0.19 15.50
O6 MAN E . 28.07 -0.19 12.82
C1 MAN E . 37.13 -4.16 13.81
C2 MAN E . 37.02 -5.65 13.41
C3 MAN E . 35.94 -6.30 14.27
C4 MAN E . 36.22 -6.11 15.76
C5 MAN E . 36.43 -4.61 16.09
C6 MAN E . 36.90 -4.36 17.51
O2 MAN E . 38.23 -6.35 13.69
O3 MAN E . 35.81 -7.69 13.97
O4 MAN E . 35.15 -6.62 16.54
O5 MAN E . 37.41 -4.03 15.19
O6 MAN E . 35.76 -4.26 18.35
C1 NAG F . 1.95 15.76 -12.08
C2 NAG F . 2.22 15.80 -13.59
C3 NAG F . 1.51 14.66 -14.30
C4 NAG F . 1.76 13.31 -13.62
C5 NAG F . 1.50 13.42 -12.12
C6 NAG F . 1.86 12.16 -11.37
C7 NAG F . 2.63 18.11 -14.33
C8 NAG F . 2.02 19.35 -14.93
N2 NAG F . 1.80 17.08 -14.14
O3 NAG F . 1.95 14.59 -15.65
O4 NAG F . 0.89 12.34 -14.17
O5 NAG F . 2.28 14.48 -11.57
O6 NAG F . 3.21 11.77 -11.63
O7 NAG F . 3.82 18.06 -14.03
C1 NAG F . 1.63 11.30 -14.85
C2 NAG F . 0.61 10.32 -15.41
C3 NAG F . 1.34 9.19 -16.13
C4 NAG F . 2.32 9.72 -17.16
C5 NAG F . 3.21 10.82 -16.58
C6 NAG F . 4.02 11.54 -17.63
C7 NAG F . -1.40 10.38 -14.01
C8 NAG F . -2.16 9.71 -12.91
N2 NAG F . -0.25 9.80 -14.37
O3 NAG F . 0.37 8.34 -16.76
O4 NAG F . 3.16 8.65 -17.57
O5 NAG F . 2.42 11.83 -15.92
O6 NAG F . 5.30 11.92 -17.14
O7 NAG F . -1.81 11.40 -14.55
C1 BMA F . 3.01 8.35 -18.98
C2 BMA F . 4.37 7.79 -19.46
C3 BMA F . 4.28 7.32 -20.91
C4 BMA F . 3.05 6.42 -21.14
C5 BMA F . 1.77 7.07 -20.60
C6 BMA F . 0.56 6.16 -20.70
O2 BMA F . 4.75 6.67 -18.68
O3 BMA F . 5.47 6.63 -21.30
O4 BMA F . 2.90 6.16 -22.53
O5 BMA F . 1.96 7.41 -19.21
O6 BMA F . -0.60 6.92 -20.40
C1 NAG G . 10.31 27.60 38.92
C2 NAG G . 9.75 26.74 40.06
C3 NAG G . 9.20 27.62 41.18
C4 NAG G . 10.22 28.67 41.61
C5 NAG G . 10.75 29.43 40.39
C6 NAG G . 11.87 30.39 40.73
C7 NAG G . 8.94 24.70 38.93
C8 NAG G . 7.72 23.93 38.50
N2 NAG G . 8.70 25.85 39.56
O3 NAG G . 8.86 26.76 42.26
O4 NAG G . 9.63 29.64 42.46
O5 NAG G . 11.27 28.50 39.45
O6 NAG G . 13.09 29.71 40.99
O7 NAG G . 10.08 24.30 38.71
C1 NAG G . 9.45 29.16 43.81
C2 NAG G . 9.71 30.27 44.82
C3 NAG G . 9.41 29.77 46.25
C4 NAG G . 8.01 29.16 46.31
C5 NAG G . 7.84 28.11 45.23
C6 NAG G . 6.43 27.56 45.16
C7 NAG G . 11.43 31.89 44.15
C8 NAG G . 12.89 32.22 44.15
N2 NAG G . 11.08 30.74 44.74
O3 NAG G . 9.51 30.86 47.16
O4 NAG G . 7.82 28.55 47.58
O5 NAG G . 8.11 28.69 43.95
O6 NAG G . 5.92 27.59 43.83
O7 NAG G . 10.60 32.63 43.63
CA CA H . -8.86 8.60 16.39
C1 NAG I . -26.37 8.40 14.76
C2 NAG I . -27.72 8.49 14.03
C3 NAG I . -28.52 7.20 14.22
C4 NAG I . -27.68 5.99 13.82
C5 NAG I . -26.36 6.01 14.58
C6 NAG I . -25.43 4.89 14.17
C7 NAG I . -28.63 10.77 13.80
C8 NAG I . -29.46 11.83 14.44
N2 NAG I . -28.49 9.64 14.51
O3 NAG I . -29.70 7.26 13.43
O4 NAG I . -28.39 4.79 14.12
O5 NAG I . -25.67 7.23 14.32
O6 NAG I . -25.25 3.94 15.21
O7 NAG I . -28.13 10.90 12.69
#